data_3AED
#
_entry.id   3AED
#
_cell.length_a   71.523
_cell.length_b   84.074
_cell.length_c   295.087
_cell.angle_alpha   90.000
_cell.angle_beta   90.000
_cell.angle_gamma   90.000
#
_symmetry.space_group_name_H-M   'P 21 21 21'
#
loop_
_entity.id
_entity.type
_entity.pdbx_description
1 polymer 'Succinate dehydrogenase [ubiquinone] flavoprotein subunit, mitochondrial'
2 polymer 'Succinate dehydrogenase [ubiquinone] iron-sulfur subunit, mitochondrial'
3 polymer 'Succinate dehydrogenase cytochrome b560 subunit, mitochondrial'
4 polymer 'Succinate dehydrogenase [ubiquinone] cytochrome b small subunit, mitochondrial'
5 non-polymer 'FLAVIN-ADENINE DINUCLEOTIDE'
6 non-polymer 'MALONATE ION'
7 non-polymer 'FE2/S2 (INORGANIC) CLUSTER'
8 non-polymer 'IRON/SULFUR CLUSTER'
9 non-polymer 'FE3-S4 CLUSTER'
10 non-polymer 'PROTOPORPHYRIN IX CONTAINING FE'
11 non-polymer 2-iodo-N-phenylbenzamide
12 non-polymer L-ALPHA-PHOSPHATIDYL-BETA-OLEOYL-GAMMA-PALMITOYL-PHOSPHATIDYLETHANOLAMINE
#
loop_
_entity_poly.entity_id
_entity_poly.type
_entity_poly.pdbx_seq_one_letter_code
_entity_poly.pdbx_strand_id
1 'polypeptide(L)'
;SSAKVSDAISTQYPVVDHEFDAVVVGAGGAGLRAAFGLSEAGFNTACVTKLFPTRSHTVAAQGGINAALGNMEEDNWRWH
FYDTVKGSDWLGDQDAIHYMTEQAPASVVELENYGMPFSRTEDGKIYQRAFGGQSLKFGKGGQAHRCCCVADRTGHSLLH
TLYGRSLRYDTSYFVEYFALDLLMENGECRGVIALCIEDGSIHRIRARNTVVATGGYGRTYFSCTSAHTSTGDGTAMVTR
AGLPCQDLEFVQFHPTGIYGAGCLITEGCRGEGGILINSQGERFMERYAPVAKDLASRDVVSRSMTLEIREGRGCGPEKD
HVYLQLHHLPPEQLAVRLPGISETAMIFAGVDVTKEPIPVLPTVHYNMGGIPTNYKGQVLRHVNGQDQVVPGLYACGEAA
CASVHGANRLGANSLLDLVVFGRACALSIAESCRPGDKVPSIKPNAGEESVMNLDKLRFANGTIRTSELRLSMQKSMQSH
AAVFRVGSVLQEGCEKILRLYGDLQHLKTFDRGMVWNTDLVETLELQNLMLCALQTIYGAEARKESRGAHAREDFKERVD
EYDYSKPIQGQQKKPFQEHWRKHTLSYVDVKTGKVSLEYRPVIDKTLNEADCATVPPAIRSY
;
A
2 'polypeptide(L)'
;AQTAAATAPRIKKFAIYRWDPDKTGDKPHMQTYEIDLNNCGPMVLDALIKIKNEIDSTLTFRRSCREGICGSCAMNINGG
NTLACTRRIDTNLDKVSKIYPLPHMYVIKDLVPDLSNFYAQYKSIEPYLKKKDESQEGKQQYLQSIEEREKLDGLYECIL
CACCSTSCPSYWWNGDKYLGPAVLMQAYRWMIDSRDDFTEERLAKLQDPFSLYRCHTIMNCTGTCPKGLNPGKAIAEIKK
MMATYKEKKASA
;
B
3 'polypeptide(L)'
;LGTTAKEEMERFWNKNLGSNRPLSPHITIYRWSLPMAMSICHRGTGIALSAGVSLFGLSALLLPGNFESHLELVKSLCLG
PTLIYTAKFGIVFPLMYHTWNGIRHLIWDLGKGLTIPQLTQSGVVVLILTVLSSVGLAAM
;
C
4 'polypeptide(L)'
;ASSKAASLHWTGERVVSVLLLGLLPAAYLNPCSAMDYSLAAALTLHGHWGIGQVVTDYVRGDALQKAAKAGLLALSAFTF
AGLCYFNYHDVGICKAVAMLWKL
;
D
#
loop_
_chem_comp.id
_chem_comp.type
_chem_comp.name
_chem_comp.formula
BOL non-polymer 2-iodo-N-phenylbenzamide 'C13 H10 I N O'
EPH non-polymer L-ALPHA-PHOSPHATIDYL-BETA-OLEOYL-GAMMA-PALMITOYL-PHOSPHATIDYLETHANOLAMINE 'C39 H68 N O8 P'
F3S non-polymer 'FE3-S4 CLUSTER' 'Fe3 S4'
FAD non-polymer 'FLAVIN-ADENINE DINUCLEOTIDE' 'C27 H33 N9 O15 P2'
FES non-polymer 'FE2/S2 (INORGANIC) CLUSTER' 'Fe2 S2'
HEM non-polymer 'PROTOPORPHYRIN IX CONTAINING FE' 'C34 H32 Fe N4 O4'
MLI non-polymer 'MALONATE ION' 'C3 H2 O4 -2'
SF4 non-polymer 'IRON/SULFUR CLUSTER' 'Fe4 S4'
#
# COMPACT_ATOMS: atom_id res chain seq x y z
N SER A 10 -12.84 29.69 -15.08
CA SER A 10 -14.25 30.13 -15.26
C SER A 10 -14.69 29.94 -16.71
N THR A 11 -15.78 29.17 -16.89
CA THR A 11 -16.38 28.86 -18.21
C THR A 11 -15.46 28.03 -19.12
N GLN A 12 -14.16 28.09 -18.86
CA GLN A 12 -13.18 27.20 -19.49
C GLN A 12 -13.20 25.84 -18.78
N TYR A 13 -13.72 25.85 -17.55
CA TYR A 13 -13.83 24.65 -16.73
C TYR A 13 -15.29 24.21 -16.60
N PRO A 14 -15.52 22.88 -16.58
CA PRO A 14 -16.86 22.36 -16.29
C PRO A 14 -17.06 22.14 -14.80
N VAL A 15 -18.28 22.39 -14.31
CA VAL A 15 -18.62 22.15 -12.91
C VAL A 15 -19.58 20.99 -12.74
N VAL A 16 -19.29 20.12 -11.77
CA VAL A 16 -20.16 18.98 -11.47
C VAL A 16 -20.50 18.97 -9.98
N ASP A 17 -21.71 19.43 -9.65
CA ASP A 17 -22.14 19.54 -8.26
C ASP A 17 -22.74 18.24 -7.73
N HIS A 18 -22.06 17.65 -6.76
CA HIS A 18 -22.51 16.42 -6.10
C HIS A 18 -23.27 16.75 -4.82
N GLU A 19 -24.24 15.92 -4.47
CA GLU A 19 -25.07 16.12 -3.28
C GLU A 19 -25.01 14.90 -2.37
N PHE A 20 -24.59 15.12 -1.12
CA PHE A 20 -24.43 14.02 -0.16
C PHE A 20 -24.88 14.41 1.24
N ASP A 21 -25.02 13.41 2.11
CA ASP A 21 -25.33 13.64 3.51
C ASP A 21 -24.10 14.17 4.26
N ALA A 22 -22.96 13.51 4.05
CA ALA A 22 -21.72 13.86 4.72
C ALA A 22 -20.49 13.60 3.85
N VAL A 23 -19.56 14.56 3.84
CA VAL A 23 -18.30 14.44 3.10
C VAL A 23 -17.15 14.20 4.07
N VAL A 24 -16.29 13.23 3.74
CA VAL A 24 -15.08 12.98 4.51
C VAL A 24 -13.86 13.16 3.60
N VAL A 25 -13.04 14.17 3.91
CA VAL A 25 -11.87 14.49 3.10
C VAL A 25 -10.62 13.85 3.72
N GLY A 26 -10.25 12.71 3.17
CA GLY A 26 -9.13 11.92 3.68
C GLY A 26 -9.45 10.44 3.69
N ALA A 27 -8.53 9.63 3.20
CA ALA A 27 -8.74 8.19 3.13
C ALA A 27 -7.71 7.40 3.93
N GLY A 28 -7.16 8.03 4.97
CA GLY A 28 -6.30 7.34 5.92
C GLY A 28 -7.13 6.48 6.86
N GLY A 29 -6.58 6.18 8.02
CA GLY A 29 -7.31 5.45 9.06
C GLY A 29 -8.39 6.35 9.62
N ALA A 30 -8.02 7.61 9.87
CA ALA A 30 -8.92 8.60 10.43
C ALA A 30 -10.12 8.81 9.51
N GLY A 31 -9.83 9.03 8.23
CA GLY A 31 -10.87 9.30 7.22
C GLY A 31 -11.75 8.10 6.93
N LEU A 32 -11.15 6.93 6.80
CA LEU A 32 -11.88 5.70 6.53
C LEU A 32 -12.85 5.33 7.64
N ARG A 33 -12.37 5.38 8.88
CA ARG A 33 -13.19 5.05 10.05
C ARG A 33 -14.39 5.98 10.15
N ALA A 34 -14.18 7.26 9.85
CA ALA A 34 -15.24 8.26 9.82
C ALA A 34 -16.18 8.01 8.65
N ALA A 35 -15.61 7.72 7.48
CA ALA A 35 -16.38 7.49 6.27
C ALA A 35 -17.36 6.33 6.41
N PHE A 36 -16.84 5.11 6.58
CA PHE A 36 -17.69 3.92 6.61
C PHE A 36 -18.57 3.86 7.86
N GLY A 37 -18.11 4.50 8.94
CA GLY A 37 -18.89 4.62 10.17
C GLY A 37 -20.14 5.44 9.96
N LEU A 38 -20.02 6.51 9.15
CA LEU A 38 -21.13 7.35 8.74
C LEU A 38 -22.12 6.59 7.86
N SER A 39 -21.59 5.77 6.95
CA SER A 39 -22.40 4.93 6.09
C SER A 39 -23.13 3.86 6.89
N GLU A 40 -22.45 3.36 7.93
CA GLU A 40 -23.01 2.38 8.86
C GLU A 40 -24.19 2.96 9.65
N ALA A 41 -24.10 4.26 9.96
CA ALA A 41 -25.19 4.98 10.60
C ALA A 41 -26.35 5.25 9.65
N GLY A 42 -26.12 5.02 8.35
CA GLY A 42 -27.16 5.15 7.33
C GLY A 42 -27.10 6.43 6.52
N PHE A 43 -25.94 7.08 6.52
CA PHE A 43 -25.75 8.34 5.80
C PHE A 43 -25.20 8.13 4.38
N ASN A 44 -25.65 8.95 3.45
CA ASN A 44 -25.11 8.98 2.10
C ASN A 44 -23.75 9.68 2.13
N THR A 45 -22.71 8.90 2.40
CA THR A 45 -21.38 9.44 2.69
C THR A 45 -20.43 9.36 1.51
N ALA A 46 -19.81 10.49 1.18
CA ALA A 46 -18.82 10.56 0.12
C ALA A 46 -17.42 10.82 0.69
N CYS A 47 -16.47 9.98 0.30
CA CYS A 47 -15.08 10.14 0.73
C CYS A 47 -14.24 10.70 -0.40
N VAL A 48 -13.63 11.87 -0.16
CA VAL A 48 -12.83 12.56 -1.18
C VAL A 48 -11.34 12.44 -0.84
N THR A 49 -10.60 11.76 -1.70
CA THR A 49 -9.19 11.46 -1.44
C THR A 49 -8.30 11.59 -2.67
N LYS A 50 -7.18 12.28 -2.51
CA LYS A 50 -6.23 12.51 -3.62
C LYS A 50 -5.41 11.27 -3.95
N LEU A 51 -5.21 10.40 -2.95
CA LEU A 51 -4.52 9.14 -3.14
C LEU A 51 -5.54 8.01 -3.02
N PHE A 52 -5.18 6.83 -3.51
CA PHE A 52 -5.94 5.62 -3.22
C PHE A 52 -5.75 5.29 -1.73
N PRO A 53 -6.85 4.95 -1.02
CA PRO A 53 -6.88 4.71 0.42
C PRO A 53 -5.71 3.92 1.01
N THR A 54 -5.24 2.89 0.31
CA THR A 54 -4.08 2.09 0.75
C THR A 54 -2.79 2.90 0.78
N ARG A 55 -2.61 3.74 -0.24
CA ARG A 55 -1.41 4.56 -0.41
C ARG A 55 -1.25 5.63 0.68
N SER A 56 -2.36 5.97 1.35
CA SER A 56 -2.38 6.90 2.47
C SER A 56 -1.32 6.56 3.51
N HIS A 57 -0.72 7.53 4.17
CA HIS A 57 0.40 7.20 5.06
C HIS A 57 0.25 6.18 6.13
N THR A 58 -0.93 6.12 6.68
CA THR A 58 -1.08 5.36 7.94
C THR A 58 -0.54 3.96 7.63
N VAL A 59 -0.42 3.64 6.34
CA VAL A 59 0.13 2.36 5.88
C VAL A 59 1.59 2.19 6.29
N ALA A 60 2.29 3.32 6.45
CA ALA A 60 3.70 3.34 6.81
C ALA A 60 3.91 3.12 8.29
N ALA A 61 2.82 3.17 9.06
CA ALA A 61 2.88 3.00 10.51
C ALA A 61 3.38 1.61 10.90
N GLN A 62 4.40 1.59 11.73
CA GLN A 62 5.12 0.37 12.08
C GLN A 62 4.88 -0.08 13.52
N GLY A 63 4.95 0.86 14.45
CA GLY A 63 4.94 0.57 15.90
C GLY A 63 3.77 -0.22 16.42
N GLY A 64 2.63 0.45 16.58
CA GLY A 64 1.43 -0.22 17.08
C GLY A 64 0.30 0.71 17.46
N ILE A 65 -0.66 0.16 18.19
CA ILE A 65 -1.89 0.85 18.55
C ILE A 65 -2.23 0.56 20.02
N ASN A 66 -2.30 1.60 20.84
CA ASN A 66 -2.45 1.45 22.29
C ASN A 66 -3.88 1.19 22.77
N ALA A 67 -4.01 0.24 23.70
CA ALA A 67 -5.28 -0.06 24.36
C ALA A 67 -5.00 -0.88 25.60
N ALA A 68 -5.52 -0.41 26.74
CA ALA A 68 -5.35 -1.10 28.01
C ALA A 68 -6.26 -2.33 28.05
N LEU A 69 -5.92 -3.33 27.26
CA LEU A 69 -6.70 -4.56 27.18
C LEU A 69 -6.30 -5.54 28.26
N GLY A 70 -5.12 -5.33 28.85
CA GLY A 70 -4.62 -6.19 29.91
C GLY A 70 -4.31 -7.58 29.43
N ASN A 71 -3.64 -7.67 28.29
CA ASN A 71 -3.28 -8.96 27.69
C ASN A 71 -1.92 -9.50 28.15
N MET A 72 -1.02 -8.59 28.51
CA MET A 72 0.30 -8.97 29.02
C MET A 72 0.34 -8.97 30.55
N GLU A 73 -0.18 -7.90 31.15
CA GLU A 73 -0.40 -7.81 32.60
C GLU A 73 -1.70 -7.05 32.85
N GLU A 74 -2.28 -7.19 34.03
CA GLU A 74 -3.55 -6.52 34.36
C GLU A 74 -3.41 -4.99 34.29
N ASP A 75 -4.32 -4.36 33.56
CA ASP A 75 -4.19 -2.96 33.19
C ASP A 75 -5.50 -2.19 33.35
N ASN A 76 -5.37 -0.91 33.68
CA ASN A 76 -6.51 0.00 33.79
C ASN A 76 -6.33 1.12 32.77
N TRP A 77 -7.40 1.44 32.04
CA TRP A 77 -7.36 2.50 31.02
C TRP A 77 -7.07 3.89 31.62
N ARG A 78 -7.33 4.03 32.91
CA ARG A 78 -7.04 5.26 33.63
C ARG A 78 -5.53 5.51 33.74
N TRP A 79 -4.77 4.43 33.87
CA TRP A 79 -3.31 4.51 33.87
C TRP A 79 -2.80 5.03 32.53
N HIS A 80 -3.48 4.62 31.46
CA HIS A 80 -3.19 5.07 30.11
C HIS A 80 -3.56 6.55 29.93
N PHE A 81 -4.61 6.97 30.61
CA PHE A 81 -5.03 8.38 30.63
C PHE A 81 -3.92 9.26 31.20
N TYR A 82 -3.42 8.88 32.38
CA TYR A 82 -2.37 9.63 33.07
C TYR A 82 -1.11 9.75 32.22
N ASP A 83 -0.73 8.66 31.57
CA ASP A 83 0.49 8.61 30.77
C ASP A 83 0.43 9.48 29.52
N THR A 84 -0.78 9.68 29.00
CA THR A 84 -0.98 10.53 27.83
C THR A 84 -0.92 12.02 28.21
N VAL A 85 -1.56 12.38 29.33
CA VAL A 85 -1.58 13.77 29.77
C VAL A 85 -0.21 14.21 30.34
N LYS A 86 0.47 13.30 31.03
CA LYS A 86 1.82 13.58 31.52
C LYS A 86 2.78 13.79 30.36
N GLY A 87 2.59 12.99 29.31
CA GLY A 87 3.38 13.10 28.09
C GLY A 87 3.07 14.34 27.27
N SER A 88 1.86 14.88 27.47
CA SER A 88 1.40 16.06 26.73
C SER A 88 1.93 17.37 27.31
N ASP A 89 2.78 17.25 28.34
CA ASP A 89 3.34 18.41 29.07
C ASP A 89 2.24 19.39 29.50
N TRP A 90 1.09 18.82 29.89
CA TRP A 90 -0.11 19.53 30.35
C TRP A 90 -0.68 20.58 29.38
N LEU A 91 -0.39 20.40 28.09
CA LEU A 91 -1.07 21.13 27.02
C LEU A 91 -2.19 20.26 26.46
N GLY A 92 -2.20 18.99 26.84
CA GLY A 92 -3.25 18.05 26.43
C GLY A 92 -4.57 18.32 27.11
N ASP A 93 -5.62 18.48 26.31
CA ASP A 93 -6.97 18.72 26.83
C ASP A 93 -7.57 17.43 27.34
N GLN A 94 -7.75 17.37 28.66
CA GLN A 94 -8.05 16.13 29.37
C GLN A 94 -9.45 15.57 29.09
N ASP A 95 -10.37 16.41 28.61
CA ASP A 95 -11.71 15.97 28.23
C ASP A 95 -11.66 15.03 27.03
N ALA A 96 -10.67 15.25 26.17
CA ALA A 96 -10.45 14.43 24.98
C ALA A 96 -9.63 13.18 25.29
N ILE A 97 -8.66 13.32 26.19
CA ILE A 97 -7.81 12.20 26.61
C ILE A 97 -8.62 11.15 27.39
N HIS A 98 -9.48 11.62 28.29
CA HIS A 98 -10.46 10.78 28.97
C HIS A 98 -11.20 9.92 27.94
N TYR A 99 -11.79 10.58 26.94
CA TYR A 99 -12.59 9.91 25.92
C TYR A 99 -11.80 8.91 25.08
N MET A 100 -10.56 9.29 24.72
CA MET A 100 -9.72 8.44 23.86
C MET A 100 -9.22 7.20 24.59
N THR A 101 -8.72 7.39 25.80
CA THR A 101 -8.12 6.30 26.58
C THR A 101 -9.15 5.29 27.09
N GLU A 102 -10.40 5.73 27.23
CA GLU A 102 -11.49 4.87 27.67
C GLU A 102 -12.05 4.04 26.53
N GLN A 103 -12.17 4.65 25.36
CA GLN A 103 -12.65 3.96 24.17
C GLN A 103 -11.55 3.10 23.55
N ALA A 104 -10.32 3.30 24.01
CA ALA A 104 -9.15 2.60 23.49
C ALA A 104 -9.32 1.08 23.39
N PRO A 105 -9.71 0.41 24.50
CA PRO A 105 -9.93 -1.03 24.43
C PRO A 105 -11.09 -1.40 23.52
N ALA A 106 -12.16 -0.63 23.59
CA ALA A 106 -13.36 -0.84 22.77
C ALA A 106 -13.06 -0.73 21.27
N SER A 107 -12.30 0.30 20.89
CA SER A 107 -11.98 0.58 19.49
C SER A 107 -11.02 -0.43 18.86
N VAL A 108 -10.10 -0.96 19.65
CA VAL A 108 -9.13 -1.97 19.20
C VAL A 108 -9.80 -3.32 18.97
N VAL A 109 -10.61 -3.74 19.95
CA VAL A 109 -11.37 -4.97 19.85
C VAL A 109 -12.33 -4.95 18.65
N GLU A 110 -12.76 -3.74 18.28
CA GLU A 110 -13.55 -3.52 17.07
C GLU A 110 -12.75 -3.90 15.82
N LEU A 111 -11.48 -3.48 15.78
CA LEU A 111 -10.60 -3.71 14.63
C LEU A 111 -10.24 -5.18 14.49
N GLU A 112 -9.97 -5.84 15.60
CA GLU A 112 -9.66 -7.27 15.61
C GLU A 112 -10.86 -8.04 15.08
N ASN A 113 -12.05 -7.51 15.36
CA ASN A 113 -13.29 -8.08 14.84
C ASN A 113 -13.56 -7.74 13.37
N TYR A 114 -13.09 -6.59 12.91
CA TYR A 114 -13.11 -6.25 11.48
C TYR A 114 -12.24 -7.21 10.69
N GLY A 115 -11.20 -7.75 11.34
CA GLY A 115 -10.34 -8.75 10.76
C GLY A 115 -8.86 -8.41 10.76
N MET A 116 -8.51 -7.35 11.47
CA MET A 116 -7.11 -6.90 11.56
C MET A 116 -6.24 -8.01 12.17
N PRO A 117 -5.29 -8.55 11.37
CA PRO A 117 -4.48 -9.69 11.79
C PRO A 117 -3.44 -9.33 12.86
N PHE A 118 -3.91 -9.12 14.08
CA PHE A 118 -3.03 -8.83 15.22
C PHE A 118 -2.17 -10.04 15.57
N SER A 119 -0.95 -9.78 16.02
CA SER A 119 -0.07 -10.82 16.55
C SER A 119 -0.67 -11.38 17.84
N ARG A 120 -0.35 -12.62 18.15
CA ARG A 120 -0.98 -13.31 19.28
C ARG A 120 0.00 -13.78 20.36
N THR A 121 -0.55 -14.30 21.47
CA THR A 121 0.26 -14.87 22.55
C THR A 121 -0.23 -16.25 22.99
N GLU A 122 0.37 -16.76 24.07
CA GLU A 122 0.00 -18.03 24.69
C GLU A 122 -1.52 -18.18 24.81
N ASP A 123 -2.16 -17.12 25.30
CA ASP A 123 -3.60 -17.10 25.55
C ASP A 123 -4.44 -16.99 24.28
N GLY A 124 -3.83 -16.46 23.22
CA GLY A 124 -4.53 -16.25 21.96
C GLY A 124 -5.14 -14.86 21.88
N LYS A 125 -4.75 -14.00 22.81
CA LYS A 125 -5.18 -12.61 22.84
C LYS A 125 -4.23 -11.74 22.01
N ILE A 126 -4.65 -10.50 21.75
CA ILE A 126 -3.87 -9.54 20.98
C ILE A 126 -2.56 -9.19 21.71
N TYR A 127 -1.45 -9.58 21.11
CA TYR A 127 -0.12 -9.35 21.68
C TYR A 127 0.19 -7.86 21.85
N GLN A 128 0.52 -7.48 23.09
CA GLN A 128 0.95 -6.13 23.40
C GLN A 128 2.43 -6.13 23.76
N ARG A 129 3.09 -4.97 23.65
CA ARG A 129 4.47 -4.84 24.07
C ARG A 129 4.83 -3.42 24.49
N ALA A 130 5.83 -3.30 25.37
CA ALA A 130 6.31 -2.02 25.90
C ALA A 130 6.58 -1.01 24.79
N PHE A 131 6.31 0.26 25.08
CA PHE A 131 6.49 1.33 24.11
C PHE A 131 6.91 2.63 24.80
N GLY A 132 7.20 3.65 23.99
CA GLY A 132 7.75 4.91 24.48
C GLY A 132 6.94 5.67 25.52
N GLY A 133 7.36 5.52 26.78
CA GLY A 133 6.85 6.36 27.88
C GLY A 133 5.54 5.97 28.52
N GLN A 134 5.24 4.67 28.53
CA GLN A 134 4.00 4.17 29.14
C GLN A 134 4.28 3.35 30.40
N SER A 135 3.52 3.65 31.46
CA SER A 135 3.73 3.07 32.77
C SER A 135 2.43 2.53 33.39
N LEU A 136 2.58 1.70 34.42
CA LEU A 136 1.44 1.20 35.17
C LEU A 136 1.23 2.04 36.43
N LYS A 137 0.11 1.79 37.11
CA LYS A 137 -0.25 2.43 38.38
C LYS A 137 0.10 3.92 38.45
N PHE A 138 -0.37 4.67 37.46
CA PHE A 138 -0.20 6.13 37.37
C PHE A 138 1.26 6.59 37.49
N GLY A 139 2.16 5.91 36.77
CA GLY A 139 3.58 6.29 36.73
C GLY A 139 4.43 5.71 37.84
N LYS A 140 3.89 4.74 38.56
CA LYS A 140 4.58 4.13 39.70
C LYS A 140 4.83 2.64 39.52
N GLY A 141 3.92 1.97 38.81
CA GLY A 141 3.94 0.51 38.67
C GLY A 141 4.92 -0.08 37.67
N GLY A 142 5.90 0.72 37.25
CA GLY A 142 6.95 0.24 36.35
C GLY A 142 6.57 0.30 34.89
N GLN A 143 6.97 -0.72 34.13
CA GLN A 143 6.77 -0.77 32.68
C GLN A 143 5.38 -1.28 32.31
N ALA A 144 4.75 -0.61 31.34
CA ALA A 144 3.43 -1.00 30.85
C ALA A 144 3.49 -1.60 29.44
N HIS A 145 2.74 -2.68 29.24
CA HIS A 145 2.68 -3.38 27.97
C HIS A 145 1.26 -3.33 27.41
N ARG A 146 0.94 -2.25 26.69
CA ARG A 146 -0.40 -2.06 26.15
C ARG A 146 -0.41 -1.65 24.68
N CYS A 147 0.74 -1.78 24.01
CA CYS A 147 0.82 -1.49 22.59
C CYS A 147 0.50 -2.73 21.77
N CYS A 148 -0.76 -2.81 21.34
CA CYS A 148 -1.22 -3.87 20.45
C CYS A 148 -0.61 -3.69 19.07
N CYS A 149 -0.03 -4.75 18.52
CA CYS A 149 0.66 -4.61 17.24
C CYS A 149 0.48 -5.78 16.27
N VAL A 150 0.52 -5.45 14.98
CA VAL A 150 0.63 -6.42 13.90
C VAL A 150 2.10 -6.46 13.48
N ALA A 151 2.95 -6.88 14.42
CA ALA A 151 4.39 -7.07 14.22
C ALA A 151 5.05 -6.14 13.19
N ASP A 152 5.22 -4.87 13.57
CA ASP A 152 5.98 -3.90 12.77
C ASP A 152 5.31 -3.40 11.48
N ARG A 153 4.12 -3.92 11.18
CA ARG A 153 3.35 -3.48 10.01
C ARG A 153 1.89 -3.20 10.39
N THR A 154 1.71 -2.56 11.55
CA THR A 154 0.40 -2.44 12.17
C THR A 154 -0.51 -1.46 11.42
N GLY A 155 0.04 -0.31 11.06
CA GLY A 155 -0.70 0.69 10.29
C GLY A 155 -1.07 0.17 8.91
N HIS A 156 -0.19 -0.64 8.35
CA HIS A 156 -0.43 -1.32 7.08
C HIS A 156 -1.68 -2.20 7.18
N SER A 157 -1.70 -3.07 8.19
CA SER A 157 -2.87 -3.93 8.43
C SER A 157 -4.10 -3.12 8.80
N LEU A 158 -3.91 -2.13 9.66
CA LEU A 158 -5.00 -1.25 10.09
C LEU A 158 -5.70 -0.58 8.92
N LEU A 159 -4.91 0.03 8.04
CA LEU A 159 -5.45 0.73 6.88
C LEU A 159 -6.13 -0.24 5.92
N HIS A 160 -5.50 -1.40 5.72
CA HIS A 160 -6.01 -2.40 4.78
C HIS A 160 -7.31 -3.04 5.25
N THR A 161 -7.43 -3.28 6.55
CA THR A 161 -8.65 -3.89 7.09
C THR A 161 -9.79 -2.88 7.19
N LEU A 162 -9.47 -1.64 7.58
CA LEU A 162 -10.47 -0.57 7.58
C LEU A 162 -10.99 -0.35 6.17
N TYR A 163 -10.09 -0.26 5.20
CA TYR A 163 -10.48 -0.13 3.80
C TYR A 163 -11.27 -1.36 3.36
N GLY A 164 -10.77 -2.54 3.70
CA GLY A 164 -11.42 -3.79 3.34
C GLY A 164 -12.87 -3.81 3.77
N ARG A 165 -13.09 -3.45 5.04
CA ARG A 165 -14.41 -3.47 5.65
C ARG A 165 -15.31 -2.35 5.14
N SER A 166 -14.69 -1.32 4.57
CA SER A 166 -15.43 -0.17 4.04
C SER A 166 -16.13 -0.47 2.72
N LEU A 167 -15.79 -1.60 2.10
CA LEU A 167 -16.48 -2.06 0.89
C LEU A 167 -17.80 -2.76 1.21
N ARG A 168 -18.09 -2.91 2.51
CA ARG A 168 -19.32 -3.53 2.96
C ARG A 168 -20.47 -2.52 2.90
N TYR A 169 -20.11 -1.24 2.82
CA TYR A 169 -21.09 -0.15 2.83
C TYR A 169 -21.06 0.66 1.53
N ASP A 170 -22.09 1.49 1.34
CA ASP A 170 -22.25 2.27 0.10
C ASP A 170 -21.58 3.64 0.13
N THR A 171 -20.35 3.68 0.63
CA THR A 171 -19.53 4.89 0.67
C THR A 171 -19.02 5.20 -0.74
N SER A 172 -19.27 6.43 -1.19
CA SER A 172 -18.85 6.87 -2.52
C SER A 172 -17.42 7.42 -2.51
N TYR A 173 -16.48 6.60 -2.99
CA TYR A 173 -15.06 6.95 -2.96
C TYR A 173 -14.59 7.74 -4.18
N PHE A 174 -14.41 9.05 -3.99
CA PHE A 174 -13.82 9.92 -4.99
C PHE A 174 -12.30 9.73 -4.98
N VAL A 175 -11.85 8.64 -5.57
CA VAL A 175 -10.43 8.26 -5.58
C VAL A 175 -9.65 9.16 -6.52
N GLU A 176 -8.50 9.64 -6.03
CA GLU A 176 -7.62 10.56 -6.77
C GLU A 176 -8.31 11.88 -7.12
N TYR A 177 -8.82 12.55 -6.08
CA TYR A 177 -9.46 13.86 -6.17
C TYR A 177 -8.78 14.80 -5.20
N PHE A 178 -8.13 15.84 -5.71
CA PHE A 178 -7.47 16.83 -4.87
C PHE A 178 -8.47 17.89 -4.43
N ALA A 179 -8.87 17.80 -3.17
CA ALA A 179 -9.73 18.82 -2.57
C ALA A 179 -8.93 20.11 -2.41
N LEU A 180 -9.54 21.22 -2.81
CA LEU A 180 -8.84 22.51 -2.87
C LEU A 180 -9.20 23.41 -1.70
N ASP A 181 -10.50 23.64 -1.50
CA ASP A 181 -10.99 24.54 -0.45
C ASP A 181 -12.31 24.06 0.13
N LEU A 182 -12.59 24.48 1.35
CA LEU A 182 -13.86 24.18 2.00
C LEU A 182 -14.97 25.06 1.44
N LEU A 183 -16.07 24.44 1.05
CA LEU A 183 -17.28 25.17 0.69
C LEU A 183 -17.86 25.81 1.94
N MET A 184 -17.92 27.13 1.94
CA MET A 184 -18.27 27.90 3.13
C MET A 184 -19.27 29.01 2.83
N GLU A 185 -20.23 29.20 3.72
CA GLU A 185 -21.23 30.25 3.61
C GLU A 185 -21.70 30.70 5.00
N ASN A 186 -21.37 31.95 5.35
CA ASN A 186 -21.71 32.52 6.65
C ASN A 186 -21.29 31.64 7.81
N GLY A 187 -20.01 31.26 7.82
CA GLY A 187 -19.45 30.40 8.85
C GLY A 187 -19.75 28.92 8.68
N GLU A 188 -20.92 28.62 8.13
CA GLU A 188 -21.39 27.24 7.96
C GLU A 188 -20.69 26.51 6.81
N CYS A 189 -20.21 25.29 7.08
CA CYS A 189 -19.51 24.49 6.08
C CYS A 189 -20.49 23.62 5.28
N ARG A 190 -20.31 23.61 3.97
CA ARG A 190 -21.24 22.94 3.06
C ARG A 190 -20.61 21.77 2.34
N GLY A 191 -19.31 21.57 2.50
CA GLY A 191 -18.60 20.49 1.83
C GLY A 191 -17.25 20.94 1.28
N VAL A 192 -16.90 20.41 0.11
CA VAL A 192 -15.61 20.75 -0.53
C VAL A 192 -15.71 20.94 -2.05
N ILE A 193 -14.84 21.78 -2.57
CA ILE A 193 -14.64 21.92 -4.01
C ILE A 193 -13.31 21.22 -4.37
N ALA A 194 -13.38 20.31 -5.33
CA ALA A 194 -12.24 19.44 -5.63
C ALA A 194 -11.90 19.32 -7.12
N LEU A 195 -10.60 19.24 -7.40
CA LEU A 195 -10.11 18.99 -8.75
C LEU A 195 -9.94 17.49 -8.97
N CYS A 196 -10.49 17.00 -10.07
CA CYS A 196 -10.35 15.59 -10.44
C CYS A 196 -9.07 15.39 -11.24
N ILE A 197 -8.05 14.85 -10.57
CA ILE A 197 -6.73 14.63 -11.17
C ILE A 197 -6.81 13.88 -12.50
N GLU A 198 -7.75 12.94 -12.61
CA GLU A 198 -7.88 12.09 -13.79
C GLU A 198 -8.20 12.83 -15.10
N ASP A 199 -9.07 13.83 -15.05
CA ASP A 199 -9.50 14.55 -16.26
C ASP A 199 -9.45 16.08 -16.18
N GLY A 200 -8.99 16.60 -15.04
CA GLY A 200 -8.81 18.03 -14.84
C GLY A 200 -10.07 18.81 -14.50
N SER A 201 -11.19 18.11 -14.39
CA SER A 201 -12.49 18.73 -14.09
C SER A 201 -12.58 19.18 -12.63
N ILE A 202 -13.56 20.04 -12.35
CA ILE A 202 -13.77 20.59 -11.01
C ILE A 202 -15.16 20.23 -10.47
N HIS A 203 -15.18 19.65 -9.26
CA HIS A 203 -16.40 19.11 -8.68
C HIS A 203 -16.74 19.75 -7.34
N ARG A 204 -18.02 20.10 -7.18
CA ARG A 204 -18.50 20.74 -5.95
C ARG A 204 -19.36 19.78 -5.14
N ILE A 205 -18.71 19.02 -4.26
CA ILE A 205 -19.39 18.03 -3.45
C ILE A 205 -19.92 18.68 -2.18
N ARG A 206 -21.24 18.80 -2.10
CA ARG A 206 -21.88 19.46 -0.96
C ARG A 206 -22.59 18.50 0.00
N ALA A 207 -22.57 18.85 1.28
CA ALA A 207 -23.18 18.05 2.34
C ALA A 207 -23.55 18.89 3.56
N ARG A 208 -24.35 18.29 4.44
CA ARG A 208 -24.76 18.93 5.69
C ARG A 208 -23.60 18.93 6.69
N ASN A 209 -22.68 17.98 6.53
CA ASN A 209 -21.51 17.86 7.38
C ASN A 209 -20.26 17.57 6.57
N THR A 210 -19.11 17.93 7.12
CA THR A 210 -17.82 17.74 6.45
C THR A 210 -16.75 17.32 7.46
N VAL A 211 -16.11 16.18 7.19
CA VAL A 211 -15.03 15.70 8.02
C VAL A 211 -13.69 15.96 7.32
N VAL A 212 -12.73 16.51 8.05
CA VAL A 212 -11.41 16.82 7.49
C VAL A 212 -10.32 15.97 8.15
N ALA A 213 -9.88 14.95 7.43
CA ALA A 213 -8.87 14.02 7.93
C ALA A 213 -7.70 13.87 6.96
N THR A 214 -7.00 14.98 6.72
CA THR A 214 -5.94 15.03 5.71
C THR A 214 -4.55 14.66 6.24
N GLY A 215 -4.43 14.51 7.56
CA GLY A 215 -3.16 14.15 8.17
C GLY A 215 -2.17 15.31 8.23
N GLY A 216 -0.93 14.99 8.59
CA GLY A 216 0.09 16.00 8.89
C GLY A 216 0.68 16.76 7.71
N TYR A 217 1.73 17.52 8.01
CA TYR A 217 2.41 18.34 7.00
C TYR A 217 3.93 18.30 7.14
N GLY A 218 4.47 17.10 7.21
CA GLY A 218 5.92 16.89 7.34
C GLY A 218 6.76 17.57 6.27
N ARG A 219 6.22 17.63 5.05
CA ARG A 219 6.94 18.16 3.88
C ARG A 219 7.23 19.67 3.92
N THR A 220 6.95 20.30 5.07
CA THR A 220 7.34 21.68 5.30
C THR A 220 8.84 21.77 5.61
N TYR A 221 9.37 20.68 6.17
CA TYR A 221 10.78 20.59 6.51
C TYR A 221 11.54 19.84 5.42
N PHE A 222 12.86 19.96 5.43
CA PHE A 222 13.72 19.24 4.47
C PHE A 222 13.76 17.74 4.73
N SER A 223 13.78 17.36 6.00
CA SER A 223 13.90 15.96 6.38
C SER A 223 12.74 15.52 7.27
N CYS A 224 12.00 14.53 6.80
CA CYS A 224 10.91 13.92 7.57
C CYS A 224 10.82 12.43 7.31
N THR A 225 9.95 11.76 8.08
CA THR A 225 9.66 10.34 7.88
C THR A 225 8.38 10.17 7.04
N SER A 226 7.54 11.20 7.06
CA SER A 226 6.24 11.18 6.37
C SER A 226 6.34 11.15 4.84
N ALA A 227 5.22 10.81 4.21
CA ALA A 227 5.12 10.67 2.76
C ALA A 227 5.36 11.99 2.03
N HIS A 228 5.53 11.91 0.71
CA HIS A 228 5.65 13.09 -0.14
C HIS A 228 4.32 13.85 -0.18
N THR A 229 3.25 13.18 0.21
CA THR A 229 1.90 13.70 0.11
C THR A 229 1.33 14.24 1.44
N SER A 230 2.17 14.25 2.47
CA SER A 230 1.81 14.86 3.76
C SER A 230 2.04 16.37 3.67
N THR A 231 1.04 17.08 3.13
CA THR A 231 1.21 18.49 2.77
C THR A 231 0.24 19.44 3.48
N GLY A 232 -0.35 18.97 4.58
CA GLY A 232 -1.26 19.78 5.39
C GLY A 232 -2.30 20.53 4.57
N ASP A 233 -2.96 19.81 3.68
CA ASP A 233 -3.97 20.38 2.78
C ASP A 233 -5.24 20.78 3.52
N GLY A 234 -5.71 19.92 4.43
CA GLY A 234 -6.89 20.22 5.22
C GLY A 234 -6.65 21.42 6.13
N THR A 235 -5.42 21.55 6.60
CA THR A 235 -5.01 22.67 7.43
C THR A 235 -5.18 23.97 6.65
N ALA A 236 -4.70 23.96 5.40
CA ALA A 236 -4.78 25.12 4.52
C ALA A 236 -6.22 25.49 4.15
N MET A 237 -7.06 24.48 3.95
CA MET A 237 -8.48 24.70 3.65
C MET A 237 -9.19 25.38 4.82
N VAL A 238 -8.78 25.01 6.03
CA VAL A 238 -9.24 25.66 7.25
C VAL A 238 -8.66 27.07 7.35
N THR A 239 -7.37 27.18 7.03
CA THR A 239 -6.66 28.47 7.03
C THR A 239 -7.34 29.50 6.16
N ARG A 240 -7.54 29.16 4.89
CA ARG A 240 -8.09 30.07 3.89
C ARG A 240 -9.55 30.43 4.15
N ALA A 241 -10.20 29.69 5.05
CA ALA A 241 -11.57 29.97 5.45
C ALA A 241 -11.63 31.00 6.58
N GLY A 242 -10.44 31.39 7.07
CA GLY A 242 -10.33 32.35 8.17
C GLY A 242 -10.37 31.68 9.54
N LEU A 243 -10.73 30.40 9.54
CA LEU A 243 -10.84 29.61 10.77
C LEU A 243 -9.46 29.27 11.33
N PRO A 244 -9.31 29.35 12.67
CA PRO A 244 -7.99 29.24 13.30
C PRO A 244 -7.39 27.84 13.26
N CYS A 245 -6.06 27.80 13.23
CA CYS A 245 -5.31 26.56 13.44
C CYS A 245 -4.75 26.59 14.85
N GLN A 246 -4.36 25.42 15.36
CA GLN A 246 -3.88 25.32 16.74
C GLN A 246 -2.49 24.69 16.83
N ASP A 247 -1.71 25.17 17.81
CA ASP A 247 -0.45 24.55 18.23
C ASP A 247 0.44 24.04 17.08
N LEU A 248 0.54 24.83 16.01
CA LEU A 248 1.27 24.41 14.82
C LEU A 248 2.78 24.49 14.94
N GLU A 249 3.27 25.07 16.04
CA GLU A 249 4.71 25.14 16.31
C GLU A 249 5.24 23.86 16.96
N PHE A 250 4.33 23.08 17.55
CA PHE A 250 4.70 21.82 18.17
C PHE A 250 4.86 20.73 17.11
N VAL A 251 6.10 20.33 16.87
CA VAL A 251 6.43 19.36 15.82
C VAL A 251 7.29 18.24 16.42
N GLN A 252 6.81 17.00 16.32
CA GLN A 252 7.52 15.87 16.91
C GLN A 252 8.71 15.41 16.08
N PHE A 253 9.86 15.29 16.75
CA PHE A 253 11.07 14.75 16.15
C PHE A 253 11.30 13.34 16.67
N HIS A 254 10.94 12.35 15.85
CA HIS A 254 11.15 10.94 16.18
C HIS A 254 12.66 10.66 16.21
N PRO A 255 13.16 10.16 17.35
CA PRO A 255 14.59 9.97 17.61
C PRO A 255 15.29 9.05 16.62
N THR A 256 14.57 8.07 16.07
CA THR A 256 15.18 7.05 15.21
C THR A 256 14.65 7.05 13.77
N GLY A 257 15.50 7.46 12.84
CA GLY A 257 15.18 7.44 11.41
C GLY A 257 16.46 7.40 10.60
N ILE A 258 16.50 6.56 9.57
CA ILE A 258 17.71 6.34 8.75
C ILE A 258 18.34 7.66 8.30
N TYR A 259 19.64 7.79 8.56
CA TYR A 259 20.42 8.98 8.23
C TYR A 259 20.27 9.41 6.76
N GLY A 260 20.11 8.44 5.87
CA GLY A 260 20.02 8.69 4.43
C GLY A 260 18.76 9.42 3.98
N ALA A 261 17.85 8.67 3.37
CA ALA A 261 16.62 9.24 2.79
C ALA A 261 15.61 9.73 3.85
N GLY A 262 15.85 9.39 5.10
CA GLY A 262 15.02 9.85 6.21
C GLY A 262 13.86 8.92 6.55
N CYS A 263 13.98 7.65 6.17
CA CYS A 263 12.97 6.64 6.48
C CYS A 263 12.97 6.32 7.96
N LEU A 264 11.85 5.77 8.45
CA LEU A 264 11.68 5.53 9.88
C LEU A 264 12.17 4.15 10.34
N ILE A 265 12.79 4.15 11.53
CA ILE A 265 13.01 2.93 12.29
C ILE A 265 12.14 3.05 13.54
N THR A 266 11.24 2.09 13.72
CA THR A 266 10.18 2.16 14.74
C THR A 266 10.67 2.32 16.18
N GLU A 267 9.80 2.88 17.02
CA GLU A 267 10.03 2.95 18.47
C GLU A 267 9.84 1.56 19.11
N GLY A 268 9.21 0.67 18.37
CA GLY A 268 9.06 -0.74 18.77
C GLY A 268 10.40 -1.43 18.95
N CYS A 269 11.43 -0.92 18.27
CA CYS A 269 12.80 -1.39 18.45
C CYS A 269 13.28 -1.10 19.88
N ARG A 270 12.90 0.06 20.41
CA ARG A 270 13.26 0.47 21.76
C ARG A 270 12.41 -0.22 22.83
N GLY A 271 11.22 -0.69 22.44
CA GLY A 271 10.32 -1.37 23.35
C GLY A 271 10.59 -2.86 23.48
N GLU A 272 11.24 -3.44 22.47
CA GLU A 272 11.57 -4.87 22.46
C GLU A 272 12.95 -5.16 23.07
N GLY A 273 13.69 -4.11 23.39
CA GLY A 273 14.99 -4.25 24.05
C GLY A 273 16.15 -3.55 23.35
N GLY A 274 15.83 -2.70 22.38
CA GLY A 274 16.85 -1.97 21.62
C GLY A 274 17.43 -0.80 22.39
N ILE A 275 18.73 -0.59 22.24
CA ILE A 275 19.46 0.48 22.93
C ILE A 275 20.12 1.41 21.92
N LEU A 276 20.27 2.68 22.29
CA LEU A 276 20.92 3.68 21.44
C LEU A 276 22.37 3.91 21.87
N ILE A 277 23.29 3.79 20.90
CA ILE A 277 24.73 3.83 21.15
C ILE A 277 25.41 5.01 20.44
N ASN A 278 26.24 5.75 21.17
CA ASN A 278 26.95 6.91 20.62
C ASN A 278 28.30 6.55 19.96
N SER A 279 29.20 7.54 19.87
CA SER A 279 30.50 7.36 19.22
C SER A 279 31.51 6.62 20.10
N GLN A 280 31.24 6.54 21.39
CA GLN A 280 32.11 5.85 22.33
C GLN A 280 31.56 4.48 22.73
N GLY A 281 30.32 4.21 22.33
CA GLY A 281 29.66 2.93 22.62
C GLY A 281 28.88 2.96 23.93
N GLU A 282 28.70 4.16 24.48
CA GLU A 282 28.03 4.34 25.76
C GLU A 282 26.51 4.22 25.65
N ARG A 283 25.90 3.57 26.63
CA ARG A 283 24.45 3.56 26.81
C ARG A 283 24.06 4.95 27.29
N PHE A 284 24.01 5.90 26.36
CA PHE A 284 23.98 7.33 26.69
C PHE A 284 22.64 7.88 27.18
N MET A 285 21.56 7.12 26.99
CA MET A 285 20.24 7.54 27.45
C MET A 285 20.02 7.32 28.95
N GLU A 286 20.95 6.61 29.58
CA GLU A 286 20.92 6.41 31.03
C GLU A 286 21.58 7.58 31.74
N ARG A 287 22.29 8.41 30.96
CA ARG A 287 22.96 9.61 31.44
C ARG A 287 21.97 10.76 31.66
N TYR A 288 20.86 10.74 30.92
CA TYR A 288 19.82 11.76 31.01
C TYR A 288 18.61 11.26 31.81
N ALA A 289 17.93 10.24 31.27
CA ALA A 289 16.76 9.65 31.93
C ALA A 289 17.14 8.45 32.79
N PRO A 290 16.82 8.51 34.10
CA PRO A 290 17.13 7.40 35.00
C PRO A 290 16.04 6.34 35.07
N VAL A 291 14.77 6.77 35.09
CA VAL A 291 13.63 5.87 35.30
C VAL A 291 13.25 5.12 34.02
N ALA A 292 13.09 5.85 32.91
CA ALA A 292 12.65 5.27 31.65
C ALA A 292 13.79 4.97 30.67
N LYS A 293 14.91 5.66 30.85
CA LYS A 293 16.13 5.48 30.04
C LYS A 293 15.93 5.77 28.55
N ASP A 294 16.22 4.79 27.69
CA ASP A 294 16.04 4.95 26.24
C ASP A 294 14.61 4.67 25.75
N LEU A 295 13.71 4.43 26.70
CA LEU A 295 12.28 4.26 26.41
C LEU A 295 11.46 5.40 27.00
N ALA A 296 12.07 6.59 27.04
CA ALA A 296 11.42 7.81 27.54
C ALA A 296 10.65 8.54 26.45
N SER A 297 10.01 9.65 26.81
CA SER A 297 9.21 10.44 25.87
C SER A 297 10.02 11.02 24.71
N ARG A 298 9.38 11.15 23.55
CA ARG A 298 10.04 11.58 22.31
C ARG A 298 10.65 12.98 22.37
N ASP A 299 10.02 13.88 23.12
CA ASP A 299 10.47 15.27 23.24
C ASP A 299 11.79 15.42 23.99
N VAL A 300 12.16 14.39 24.77
CA VAL A 300 13.37 14.41 25.59
C VAL A 300 14.48 13.54 24.99
N VAL A 301 14.11 12.36 24.49
CA VAL A 301 15.06 11.41 23.90
C VAL A 301 15.79 12.00 22.70
N SER A 302 15.03 12.49 21.73
CA SER A 302 15.59 13.08 20.50
C SER A 302 16.32 14.40 20.76
N ARG A 303 15.87 15.11 21.80
CA ARG A 303 16.50 16.37 22.19
C ARG A 303 17.82 16.11 22.93
N SER A 304 17.95 14.91 23.49
CA SER A 304 19.21 14.44 24.06
C SER A 304 20.15 13.97 22.96
N MET A 305 19.56 13.48 21.86
CA MET A 305 20.31 13.02 20.69
C MET A 305 20.86 14.19 19.87
N THR A 306 20.01 15.19 19.64
CA THR A 306 20.39 16.40 18.90
C THR A 306 21.39 17.21 19.71
N LEU A 307 21.41 16.98 21.02
CA LEU A 307 22.42 17.54 21.91
C LEU A 307 23.78 16.90 21.61
N GLU A 308 23.78 15.58 21.44
CA GLU A 308 25.01 14.80 21.18
C GLU A 308 25.68 15.14 19.84
N ILE A 309 24.89 15.52 18.85
CA ILE A 309 25.38 15.94 17.53
C ILE A 309 26.15 17.26 17.64
N ARG A 310 25.59 18.20 18.41
CA ARG A 310 26.20 19.51 18.62
C ARG A 310 27.38 19.49 19.59
N GLU A 311 27.52 18.39 20.34
CA GLU A 311 28.62 18.23 21.30
C GLU A 311 29.95 18.00 20.58
N GLY A 312 29.92 17.18 19.53
CA GLY A 312 31.13 16.76 18.83
C GLY A 312 31.33 15.25 18.95
N ARG A 313 30.42 14.61 19.69
CA ARG A 313 30.44 13.17 19.90
C ARG A 313 29.65 12.45 18.79
N GLY A 314 29.89 12.86 17.56
CA GLY A 314 29.17 12.34 16.39
C GLY A 314 29.52 10.91 16.05
N CYS A 315 28.51 10.15 15.65
CA CYS A 315 28.64 8.71 15.44
C CYS A 315 28.34 8.34 13.99
N GLY A 316 29.28 8.64 13.10
CA GLY A 316 29.15 8.32 11.68
C GLY A 316 30.40 8.66 10.89
N PRO A 317 30.35 8.46 9.56
CA PRO A 317 31.47 8.82 8.68
C PRO A 317 31.75 10.33 8.66
N GLU A 318 30.74 11.14 8.97
CA GLU A 318 30.90 12.59 9.02
C GLU A 318 30.49 13.17 10.38
N LYS A 319 30.38 12.30 11.38
CA LYS A 319 30.04 12.67 12.77
C LYS A 319 28.77 13.52 12.90
N ASP A 320 27.73 13.15 12.17
CA ASP A 320 26.47 13.92 12.16
C ASP A 320 25.23 13.17 12.67
N HIS A 321 25.31 11.84 12.71
CA HIS A 321 24.19 11.02 13.20
C HIS A 321 24.58 10.10 14.37
N VAL A 322 23.62 9.34 14.86
CA VAL A 322 23.82 8.41 15.99
C VAL A 322 23.48 6.96 15.54
N TYR A 323 23.52 6.02 16.48
CA TYR A 323 23.19 4.62 16.21
C TYR A 323 22.03 4.08 17.04
N LEU A 324 21.28 3.13 16.47
CA LEU A 324 20.35 2.29 17.20
C LEU A 324 20.88 0.87 17.10
N GLN A 325 21.15 0.25 18.24
CA GLN A 325 21.84 -1.04 18.26
C GLN A 325 20.93 -2.23 18.53
N LEU A 326 20.99 -3.20 17.62
CA LEU A 326 20.28 -4.48 17.76
C LEU A 326 21.27 -5.65 17.70
N HIS A 327 22.51 -5.37 18.08
CA HIS A 327 23.60 -6.34 18.09
C HIS A 327 23.41 -7.40 19.19
N HIS A 328 22.90 -6.97 20.34
CA HIS A 328 22.69 -7.87 21.48
C HIS A 328 21.26 -8.42 21.59
N LEU A 329 20.43 -8.11 20.60
CA LEU A 329 19.07 -8.65 20.52
C LEU A 329 19.07 -10.05 19.91
N PRO A 330 18.15 -10.92 20.35
CA PRO A 330 18.05 -12.27 19.78
C PRO A 330 17.59 -12.23 18.31
N PRO A 331 18.28 -12.98 17.43
CA PRO A 331 17.92 -13.06 16.01
C PRO A 331 16.58 -13.78 15.80
N GLU A 332 16.21 -14.62 16.77
CA GLU A 332 14.93 -15.35 16.76
C GLU A 332 13.75 -14.39 16.95
N GLN A 333 13.96 -13.35 17.75
CA GLN A 333 12.93 -12.37 18.07
C GLN A 333 12.74 -11.35 16.95
N LEU A 334 13.84 -10.99 16.29
CA LEU A 334 13.83 -10.00 15.20
C LEU A 334 13.02 -10.45 13.99
N ALA A 335 13.02 -11.75 13.71
CA ALA A 335 12.26 -12.32 12.60
C ALA A 335 10.75 -12.29 12.86
N VAL A 336 10.35 -12.43 14.13
CA VAL A 336 8.95 -12.52 14.51
C VAL A 336 8.33 -11.14 14.81
N ARG A 337 9.02 -10.35 15.62
CA ARG A 337 8.49 -9.07 16.10
C ARG A 337 8.64 -7.91 15.12
N LEU A 338 9.84 -7.75 14.56
CA LEU A 338 10.15 -6.60 13.70
C LEU A 338 10.78 -7.00 12.36
N PRO A 339 9.97 -7.43 11.38
CA PRO A 339 10.49 -7.81 10.07
C PRO A 339 10.47 -6.66 9.03
N GLY A 340 9.65 -5.65 9.25
CA GLY A 340 9.51 -4.53 8.32
C GLY A 340 10.71 -3.59 8.34
N ILE A 341 11.31 -3.42 9.51
CA ILE A 341 12.56 -2.65 9.65
C ILE A 341 13.78 -3.44 9.20
N SER A 342 13.68 -4.77 9.27
CA SER A 342 14.75 -5.68 8.84
C SER A 342 15.07 -5.53 7.36
N GLU A 343 14.04 -5.29 6.56
CA GLU A 343 14.18 -5.01 5.13
C GLU A 343 14.60 -3.58 4.85
N THR A 344 13.87 -2.62 5.42
CA THR A 344 14.08 -1.19 5.14
C THR A 344 15.40 -0.61 5.70
N ALA A 345 15.98 -1.28 6.69
CA ALA A 345 17.32 -0.92 7.18
C ALA A 345 18.37 -1.43 6.20
N MET A 346 18.10 -2.59 5.60
CA MET A 346 18.97 -3.20 4.62
C MET A 346 18.91 -2.47 3.27
N ILE A 347 17.71 -2.10 2.84
CA ILE A 347 17.50 -1.45 1.55
C ILE A 347 18.03 -0.01 1.51
N PHE A 348 17.77 0.75 2.58
CA PHE A 348 18.13 2.17 2.61
C PHE A 348 19.50 2.48 3.23
N ALA A 349 20.13 1.48 3.83
CA ALA A 349 21.45 1.66 4.43
C ALA A 349 22.41 0.52 4.09
N GLY A 350 21.88 -0.70 4.03
CA GLY A 350 22.71 -1.89 3.83
C GLY A 350 23.15 -2.44 5.16
N VAL A 351 22.20 -2.54 6.09
CA VAL A 351 22.48 -2.96 7.46
C VAL A 351 21.79 -4.27 7.81
N ASP A 352 22.60 -5.27 8.15
CA ASP A 352 22.12 -6.49 8.77
C ASP A 352 21.67 -6.14 10.17
N VAL A 353 20.36 -6.22 10.43
CA VAL A 353 19.81 -5.84 11.73
C VAL A 353 20.27 -6.78 12.85
N THR A 354 20.71 -7.98 12.47
CA THR A 354 21.21 -8.98 13.42
C THR A 354 22.65 -8.72 13.88
N LYS A 355 23.51 -8.33 12.95
CA LYS A 355 24.94 -8.11 13.24
C LYS A 355 25.32 -6.64 13.43
N GLU A 356 24.77 -5.77 12.59
CA GLU A 356 25.15 -4.35 12.56
C GLU A 356 24.09 -3.44 13.21
N PRO A 357 24.52 -2.30 13.78
CA PRO A 357 23.57 -1.30 14.30
C PRO A 357 23.06 -0.37 13.19
N ILE A 358 21.83 0.12 13.35
CA ILE A 358 21.23 1.03 12.36
C ILE A 358 21.64 2.48 12.64
N PRO A 359 22.14 3.18 11.61
CA PRO A 359 22.43 4.62 11.74
C PRO A 359 21.14 5.45 11.80
N VAL A 360 20.89 6.09 12.93
CA VAL A 360 19.67 6.87 13.15
C VAL A 360 19.91 8.37 13.32
N LEU A 361 18.89 9.16 12.99
CA LEU A 361 18.92 10.61 13.15
C LEU A 361 17.50 11.11 13.44
N PRO A 362 17.35 11.93 14.49
CA PRO A 362 16.05 12.53 14.83
C PRO A 362 15.58 13.51 13.77
N THR A 363 14.44 13.21 13.16
CA THR A 363 13.82 14.09 12.16
C THR A 363 12.30 14.16 12.33
N VAL A 364 11.69 15.13 11.64
CA VAL A 364 10.25 15.40 11.71
C VAL A 364 9.41 14.14 11.49
N HIS A 365 8.43 13.94 12.37
CA HIS A 365 7.62 12.74 12.36
C HIS A 365 6.12 13.01 12.48
N TYR A 366 5.73 13.65 13.57
CA TYR A 366 4.32 13.89 13.84
C TYR A 366 4.02 15.37 14.05
N ASN A 367 2.92 15.83 13.44
CA ASN A 367 2.42 17.18 13.66
C ASN A 367 1.33 17.20 14.72
N MET A 368 1.69 17.71 15.89
CA MET A 368 0.80 17.75 17.06
C MET A 368 -0.44 18.60 16.78
N GLY A 369 -0.21 19.80 16.27
CA GLY A 369 -1.28 20.74 15.99
C GLY A 369 -2.16 20.34 14.82
N GLY A 370 -2.97 21.30 14.39
CA GLY A 370 -3.90 21.12 13.28
C GLY A 370 -5.16 21.94 13.45
N ILE A 371 -6.29 21.29 13.27
CA ILE A 371 -7.58 21.96 13.31
C ILE A 371 -8.24 21.77 14.68
N PRO A 372 -8.37 22.88 15.46
CA PRO A 372 -9.00 22.87 16.78
C PRO A 372 -10.32 22.10 16.77
N THR A 373 -10.48 21.18 17.72
CA THR A 373 -11.67 20.32 17.73
C THR A 373 -12.11 19.86 19.14
N ASN A 374 -13.42 19.66 19.28
CA ASN A 374 -14.02 19.11 20.50
C ASN A 374 -13.62 17.67 20.71
N TYR A 375 -13.92 17.14 21.90
CA TYR A 375 -13.75 15.72 22.17
C TYR A 375 -14.71 14.93 21.30
N LYS A 376 -15.84 15.56 20.96
CA LYS A 376 -16.82 14.99 20.04
C LYS A 376 -16.30 15.04 18.60
N GLY A 377 -15.50 16.05 18.30
CA GLY A 377 -14.84 16.16 17.01
C GLY A 377 -15.27 17.32 16.14
N GLN A 378 -15.89 18.33 16.77
CA GLN A 378 -16.38 19.51 16.05
C GLN A 378 -15.33 20.61 15.97
N VAL A 379 -15.11 21.12 14.76
CA VAL A 379 -14.14 22.19 14.53
C VAL A 379 -14.57 23.48 15.23
N LEU A 380 -13.61 24.13 15.87
CA LEU A 380 -13.87 25.31 16.70
C LEU A 380 -13.24 26.57 16.14
N ARG A 381 -14.04 27.63 16.06
CA ARG A 381 -13.52 28.97 15.82
C ARG A 381 -13.46 29.71 17.17
N HIS A 382 -12.54 30.67 17.27
CA HIS A 382 -12.31 31.38 18.52
C HIS A 382 -12.97 32.76 18.53
N VAL A 383 -14.20 32.82 19.03
CA VAL A 383 -14.98 34.06 19.06
C VAL A 383 -15.09 34.59 20.48
N ASN A 384 -14.76 35.87 20.65
CA ASN A 384 -14.93 36.59 21.92
C ASN A 384 -14.19 35.93 23.09
N GLY A 385 -12.95 35.49 22.82
CA GLY A 385 -12.12 34.82 23.82
C GLY A 385 -12.73 33.54 24.35
N GLN A 386 -13.71 33.02 23.63
CA GLN A 386 -14.41 31.79 23.99
C GLN A 386 -14.38 30.81 22.80
N ASP A 387 -15.19 29.76 22.86
CA ASP A 387 -15.23 28.77 21.79
C ASP A 387 -16.58 28.73 21.11
N GLN A 388 -16.58 28.38 19.82
CA GLN A 388 -17.81 28.24 19.05
C GLN A 388 -17.68 27.10 18.04
N VAL A 389 -18.67 26.20 18.05
CA VAL A 389 -18.71 25.07 17.14
C VAL A 389 -19.07 25.53 15.73
N VAL A 390 -18.17 25.29 14.78
CA VAL A 390 -18.42 25.58 13.37
C VAL A 390 -19.41 24.54 12.83
N PRO A 391 -20.57 24.99 12.32
CA PRO A 391 -21.63 24.09 11.88
C PRO A 391 -21.24 23.25 10.65
N GLY A 392 -21.40 21.94 10.78
CA GLY A 392 -21.15 21.01 9.68
C GLY A 392 -19.70 20.83 9.29
N LEU A 393 -18.79 21.19 10.19
CA LEU A 393 -17.37 21.02 9.95
C LEU A 393 -16.71 20.22 11.06
N TYR A 394 -16.07 19.12 10.67
CA TYR A 394 -15.41 18.21 11.60
C TYR A 394 -13.99 17.95 11.16
N ALA A 395 -13.15 17.50 12.08
CA ALA A 395 -11.76 17.15 11.78
C ALA A 395 -11.27 16.06 12.72
N CYS A 396 -10.50 15.12 12.18
CA CYS A 396 -10.00 13.98 12.96
C CYS A 396 -8.66 13.46 12.44
N GLY A 397 -7.83 12.95 13.35
CA GLY A 397 -6.52 12.40 13.01
C GLY A 397 -5.39 13.37 13.27
N GLU A 398 -4.32 13.25 12.48
CA GLU A 398 -3.19 14.17 12.57
C GLU A 398 -3.55 15.55 12.01
N ALA A 399 -4.52 15.57 11.10
CA ALA A 399 -5.06 16.80 10.53
C ALA A 399 -5.67 17.71 11.60
N ALA A 400 -6.36 17.10 12.55
CA ALA A 400 -7.03 17.83 13.62
C ALA A 400 -6.09 18.12 14.79
N CYS A 401 -6.59 18.90 15.74
CA CYS A 401 -5.95 19.10 17.03
C CYS A 401 -7.00 19.24 18.11
N ALA A 402 -7.41 18.10 18.68
CA ALA A 402 -8.15 18.09 19.94
C ALA A 402 -7.11 18.35 21.03
N SER A 403 -5.85 18.25 20.62
CA SER A 403 -4.70 18.23 21.51
C SER A 403 -4.88 17.14 22.57
N VAL A 404 -5.10 15.93 22.08
CA VAL A 404 -5.09 14.73 22.91
C VAL A 404 -3.62 14.30 23.08
N HIS A 405 -2.74 14.93 22.30
CA HIS A 405 -1.30 14.69 22.35
C HIS A 405 -0.56 15.84 23.04
N GLY A 406 -1.14 17.03 23.02
CA GLY A 406 -0.59 18.20 23.71
C GLY A 406 0.69 18.74 23.09
N ALA A 407 1.73 18.84 23.91
CA ALA A 407 3.04 19.32 23.48
C ALA A 407 3.89 18.19 22.91
N ASN A 408 3.66 16.98 23.39
CA ASN A 408 4.38 15.79 22.91
C ASN A 408 3.49 14.56 22.84
N ARG A 409 3.36 14.02 21.64
CA ARG A 409 2.54 12.82 21.40
C ARG A 409 3.18 11.57 22.00
N LEU A 410 2.39 10.81 22.74
CA LEU A 410 2.83 9.54 23.29
C LEU A 410 2.92 8.48 22.20
N GLY A 411 3.91 7.60 22.31
CA GLY A 411 4.17 6.59 21.28
C GLY A 411 3.01 5.64 21.03
N ALA A 412 2.66 5.49 19.76
CA ALA A 412 1.59 4.59 19.30
C ALA A 412 0.17 5.04 19.68
N ASN A 413 0.01 6.34 19.92
CA ASN A 413 -1.30 6.91 20.23
C ASN A 413 -2.03 7.47 19.02
N SER A 414 -1.28 7.80 17.97
CA SER A 414 -1.86 8.44 16.77
C SER A 414 -2.78 7.52 15.97
N LEU A 415 -2.42 6.24 15.87
CA LEU A 415 -3.29 5.26 15.22
C LEU A 415 -4.57 5.05 16.04
N LEU A 416 -4.44 5.14 17.37
CA LEU A 416 -5.59 5.13 18.27
C LEU A 416 -6.42 6.40 18.05
N ASP A 417 -5.74 7.54 18.10
CA ASP A 417 -6.32 8.84 17.78
C ASP A 417 -7.11 8.79 16.47
N LEU A 418 -6.56 8.08 15.48
CA LEU A 418 -7.20 7.89 14.18
C LEU A 418 -8.55 7.20 14.28
N VAL A 419 -8.56 6.01 14.88
CA VAL A 419 -9.77 5.20 14.98
C VAL A 419 -10.80 5.91 15.87
N VAL A 420 -10.39 6.24 17.09
CA VAL A 420 -11.30 6.81 18.11
C VAL A 420 -12.02 8.07 17.63
N PHE A 421 -11.26 9.06 17.16
CA PHE A 421 -11.83 10.35 16.79
C PHE A 421 -12.43 10.38 15.39
N GLY A 422 -12.01 9.45 14.54
CA GLY A 422 -12.69 9.23 13.27
C GLY A 422 -14.08 8.71 13.57
N ARG A 423 -14.14 7.70 14.45
CA ARG A 423 -15.38 7.11 14.93
C ARG A 423 -16.25 8.16 15.64
N ALA A 424 -15.61 9.03 16.42
CA ALA A 424 -16.30 10.08 17.16
C ALA A 424 -17.00 11.07 16.22
N CYS A 425 -16.31 11.48 15.17
CA CYS A 425 -16.88 12.39 14.16
C CYS A 425 -18.18 11.82 13.57
N ALA A 426 -18.19 10.50 13.34
CA ALA A 426 -19.36 9.81 12.82
C ALA A 426 -20.53 9.84 13.79
N LEU A 427 -20.24 9.64 15.08
CA LEU A 427 -21.25 9.63 16.13
C LEU A 427 -21.87 11.01 16.39
N SER A 428 -21.04 12.06 16.27
CA SER A 428 -21.49 13.43 16.43
C SER A 428 -22.48 13.82 15.33
N ILE A 429 -22.22 13.37 14.11
CA ILE A 429 -23.12 13.59 12.99
C ILE A 429 -24.38 12.74 13.15
N ALA A 430 -24.21 11.48 13.58
CA ALA A 430 -25.32 10.54 13.77
C ALA A 430 -26.33 11.02 14.81
N GLU A 431 -25.85 11.70 15.85
CA GLU A 431 -26.69 12.14 16.95
C GLU A 431 -27.32 13.51 16.73
N SER A 432 -26.57 14.42 16.12
CA SER A 432 -27.02 15.80 15.92
C SER A 432 -28.08 15.92 14.83
N CYS A 433 -27.96 15.11 13.78
CA CYS A 433 -28.96 15.08 12.70
C CYS A 433 -29.09 13.69 12.07
N ARG A 434 -30.22 13.44 11.41
CA ARG A 434 -30.48 12.15 10.77
C ARG A 434 -30.21 12.21 9.25
N PRO A 435 -30.00 11.05 8.60
CA PRO A 435 -29.81 11.04 7.15
C PRO A 435 -31.10 11.39 6.43
N GLY A 436 -31.00 12.16 5.36
CA GLY A 436 -32.18 12.63 4.64
C GLY A 436 -32.61 14.02 5.04
N ASP A 437 -31.92 14.59 6.02
CA ASP A 437 -32.09 16.00 6.39
C ASP A 437 -31.61 16.89 5.24
N LYS A 438 -32.40 17.92 4.92
CA LYS A 438 -32.14 18.75 3.75
C LYS A 438 -30.72 19.29 3.71
N VAL A 439 -30.07 19.12 2.56
CA VAL A 439 -28.72 19.62 2.35
C VAL A 439 -28.80 21.12 2.06
N PRO A 440 -28.07 21.94 2.84
CA PRO A 440 -28.09 23.39 2.63
C PRO A 440 -27.47 23.78 1.29
N SER A 441 -28.27 24.42 0.45
CA SER A 441 -27.86 24.75 -0.92
C SER A 441 -26.86 25.91 -0.98
N ILE A 442 -25.99 25.84 -1.99
CA ILE A 442 -24.88 26.77 -2.13
C ILE A 442 -25.04 27.73 -3.31
N LYS A 443 -24.40 28.90 -3.21
CA LYS A 443 -24.47 29.95 -4.24
C LYS A 443 -23.99 29.47 -5.61
N PRO A 444 -24.53 30.07 -6.70
CA PRO A 444 -24.10 29.70 -8.06
C PRO A 444 -22.64 30.02 -8.29
N ASN A 445 -22.16 31.09 -7.68
CA ASN A 445 -20.77 31.52 -7.82
C ASN A 445 -19.97 31.28 -6.54
N ALA A 446 -19.98 30.03 -6.09
CA ALA A 446 -19.27 29.64 -4.87
C ALA A 446 -18.01 28.86 -5.17
N GLY A 447 -16.97 29.06 -4.35
CA GLY A 447 -15.66 28.44 -4.55
C GLY A 447 -15.03 28.90 -5.86
N GLU A 448 -15.49 30.06 -6.33
CA GLU A 448 -15.11 30.62 -7.61
C GLU A 448 -13.64 31.02 -7.65
N GLU A 449 -13.14 31.52 -6.53
CA GLU A 449 -11.73 31.93 -6.41
C GLU A 449 -10.79 30.74 -6.29
N SER A 450 -11.30 29.61 -5.80
CA SER A 450 -10.52 28.37 -5.71
C SER A 450 -10.17 27.87 -7.11
N VAL A 451 -11.15 27.96 -8.01
CA VAL A 451 -10.96 27.62 -9.43
C VAL A 451 -9.97 28.59 -10.07
N MET A 452 -10.07 29.87 -9.71
CA MET A 452 -9.18 30.91 -10.23
C MET A 452 -7.76 30.77 -9.69
N ASN A 453 -7.64 30.27 -8.46
CA ASN A 453 -6.35 29.91 -7.87
C ASN A 453 -5.71 28.80 -8.66
N LEU A 454 -6.55 27.89 -9.18
CA LEU A 454 -6.13 26.78 -10.01
C LEU A 454 -5.67 27.28 -11.38
N ASP A 455 -6.52 28.10 -12.01
CA ASP A 455 -6.29 28.59 -13.38
C ASP A 455 -5.07 29.50 -13.50
N LYS A 456 -4.90 30.40 -12.53
CA LYS A 456 -3.77 31.32 -12.50
C LYS A 456 -2.46 30.57 -12.31
N LEU A 457 -2.52 29.51 -11.50
CA LEU A 457 -1.36 28.70 -11.18
C LEU A 457 -0.98 27.75 -12.32
N ARG A 458 -2.00 27.30 -13.06
CA ARG A 458 -1.84 26.37 -14.17
C ARG A 458 -1.13 27.02 -15.37
N PHE A 459 -1.40 28.30 -15.60
CA PHE A 459 -0.76 29.06 -16.67
C PHE A 459 0.30 30.04 -16.12
N ALA A 460 0.97 29.65 -15.05
CA ALA A 460 1.91 30.54 -14.34
C ALA A 460 3.21 30.81 -15.10
N ASN A 461 3.31 32.02 -15.64
CA ASN A 461 4.56 32.52 -16.22
C ASN A 461 5.41 33.23 -15.17
N GLY A 462 6.29 32.47 -14.51
CA GLY A 462 7.12 33.01 -13.44
C GLY A 462 8.60 32.99 -13.72
N THR A 463 9.39 32.89 -12.65
CA THR A 463 10.85 32.90 -12.74
C THR A 463 11.52 31.89 -11.78
N ILE A 464 10.75 31.41 -10.81
CA ILE A 464 11.23 30.41 -9.84
C ILE A 464 10.26 29.23 -9.82
N ARG A 465 10.64 28.13 -10.48
CA ARG A 465 9.76 26.96 -10.58
C ARG A 465 9.48 26.30 -9.23
N THR A 466 8.31 25.66 -9.12
CA THR A 466 7.81 25.07 -7.87
C THR A 466 8.86 24.33 -7.07
N SER A 467 9.58 23.44 -7.74
CA SER A 467 10.62 22.62 -7.12
C SER A 467 11.69 23.43 -6.39
N GLU A 468 12.11 24.54 -6.99
CA GLU A 468 13.11 25.43 -6.40
C GLU A 468 12.58 26.13 -5.14
N LEU A 469 11.33 26.57 -5.18
CA LEU A 469 10.71 27.29 -4.07
C LEU A 469 10.42 26.37 -2.87
N ARG A 470 10.06 25.12 -3.16
CA ARG A 470 9.81 24.12 -2.13
C ARG A 470 11.05 23.85 -1.29
N LEU A 471 12.20 23.73 -1.96
CA LEU A 471 13.48 23.49 -1.30
C LEU A 471 13.92 24.69 -0.46
N SER A 472 13.60 25.89 -0.94
CA SER A 472 13.89 27.12 -0.21
C SER A 472 13.11 27.20 1.09
N MET A 473 11.89 26.66 1.08
CA MET A 473 11.05 26.57 2.26
C MET A 473 11.55 25.47 3.20
N GLN A 474 11.82 24.29 2.63
CA GLN A 474 12.22 23.10 3.37
C GLN A 474 13.48 23.28 4.22
N LYS A 475 14.59 23.66 3.59
CA LYS A 475 15.87 23.81 4.29
C LYS A 475 15.87 24.94 5.30
N SER A 476 15.04 25.95 5.05
CA SER A 476 14.85 27.05 6.00
C SER A 476 14.24 26.53 7.30
N MET A 477 13.13 25.81 7.17
CA MET A 477 12.47 25.20 8.33
C MET A 477 13.37 24.22 9.07
N GLN A 478 14.27 23.56 8.33
CA GLN A 478 15.15 22.53 8.89
C GLN A 478 16.25 23.10 9.78
N SER A 479 16.64 24.34 9.54
CA SER A 479 17.69 24.99 10.33
C SER A 479 17.15 26.03 11.32
N HIS A 480 15.91 26.47 11.11
CA HIS A 480 15.29 27.50 11.96
C HIS A 480 14.28 26.95 12.96
N ALA A 481 13.39 26.07 12.49
CA ALA A 481 12.39 25.45 13.35
C ALA A 481 12.79 24.03 13.74
N ALA A 482 14.09 23.84 13.97
CA ALA A 482 14.65 22.53 14.31
C ALA A 482 14.32 22.10 15.75
N VAL A 483 15.05 21.09 16.25
CA VAL A 483 14.84 20.55 17.58
C VAL A 483 15.00 21.62 18.66
N PHE A 484 16.14 22.30 18.64
CA PHE A 484 16.36 23.48 19.47
C PHE A 484 16.11 24.73 18.64
N ARG A 485 15.63 25.79 19.29
CA ARG A 485 15.36 27.06 18.62
C ARG A 485 15.47 28.27 19.54
N VAL A 486 16.26 29.24 19.11
CA VAL A 486 16.44 30.50 19.85
C VAL A 486 15.70 31.64 19.16
N GLY A 487 15.50 32.73 19.89
CA GLY A 487 14.82 33.92 19.35
C GLY A 487 15.46 34.47 18.09
N SER A 488 16.79 34.56 18.09
CA SER A 488 17.56 35.11 16.97
C SER A 488 17.39 34.30 15.69
N VAL A 489 17.50 32.98 15.80
CA VAL A 489 17.37 32.08 14.66
C VAL A 489 15.92 32.02 14.17
N LEU A 490 14.97 31.92 15.10
CA LEU A 490 13.55 31.92 14.76
C LEU A 490 13.10 33.22 14.11
N GLN A 491 13.66 34.34 14.57
CA GLN A 491 13.38 35.66 13.98
C GLN A 491 13.80 35.76 12.53
N GLU A 492 15.00 35.24 12.21
CA GLU A 492 15.49 35.19 10.84
C GLU A 492 14.61 34.26 10.01
N GLY A 493 14.25 33.12 10.58
CA GLY A 493 13.39 32.13 9.94
C GLY A 493 12.02 32.68 9.60
N CYS A 494 11.45 33.47 10.51
CA CYS A 494 10.11 34.03 10.34
C CYS A 494 9.99 34.95 9.12
N GLU A 495 10.98 35.81 8.92
CA GLU A 495 11.01 36.67 7.73
C GLU A 495 11.68 35.99 6.53
N LYS A 496 12.32 34.85 6.78
CA LYS A 496 12.87 34.02 5.72
C LYS A 496 11.74 33.23 5.06
N ILE A 497 10.81 32.76 5.89
CA ILE A 497 9.61 32.06 5.41
C ILE A 497 8.61 33.06 4.80
N LEU A 498 8.55 34.26 5.40
CA LEU A 498 7.71 35.35 4.87
C LEU A 498 8.16 35.76 3.46
N ARG A 499 9.48 35.79 3.26
CA ARG A 499 10.10 36.09 1.96
C ARG A 499 9.54 35.19 0.84
N LEU A 500 9.48 33.90 1.13
CA LEU A 500 9.12 32.90 0.12
C LEU A 500 7.62 32.86 -0.19
N TYR A 501 6.83 33.48 0.69
CA TYR A 501 5.39 33.59 0.45
C TYR A 501 5.11 34.60 -0.66
N GLY A 502 5.93 35.66 -0.71
CA GLY A 502 5.87 36.66 -1.78
C GLY A 502 6.41 36.12 -3.08
N ASP A 503 7.21 35.06 -3.00
CA ASP A 503 7.75 34.36 -4.17
C ASP A 503 6.71 33.45 -4.80
N LEU A 504 5.60 33.22 -4.10
CA LEU A 504 4.54 32.30 -4.55
C LEU A 504 3.71 32.81 -5.73
N GLN A 505 4.24 33.80 -6.43
CA GLN A 505 3.66 34.26 -7.70
C GLN A 505 4.73 34.33 -8.78
N HIS A 506 5.97 34.52 -8.33
CA HIS A 506 7.15 34.43 -9.19
C HIS A 506 7.43 32.98 -9.59
N LEU A 507 6.46 32.10 -9.41
CA LEU A 507 6.63 30.68 -9.72
C LEU A 507 6.28 30.33 -11.15
N LYS A 508 7.17 29.55 -11.78
CA LYS A 508 7.01 29.14 -13.17
C LYS A 508 6.58 27.67 -13.23
N THR A 509 5.38 27.44 -13.73
CA THR A 509 4.91 26.08 -14.00
C THR A 509 5.23 25.71 -15.46
N PHE A 510 5.24 24.41 -15.76
CA PHE A 510 5.55 23.90 -17.09
C PHE A 510 4.38 23.14 -17.72
N ASP A 511 3.98 22.04 -17.07
CA ASP A 511 2.88 21.21 -17.55
C ASP A 511 1.58 22.01 -17.53
N ARG A 512 0.93 22.08 -18.69
CA ARG A 512 -0.30 22.87 -18.83
C ARG A 512 -1.44 22.04 -19.41
N GLY A 513 -1.53 20.78 -18.97
CA GLY A 513 -2.61 19.89 -19.38
C GLY A 513 -3.72 19.82 -18.35
N MET A 514 -4.72 19.00 -18.65
CA MET A 514 -5.84 18.76 -17.73
C MET A 514 -5.69 17.41 -17.05
N VAL A 515 -5.51 16.36 -17.86
CA VAL A 515 -5.32 15.00 -17.38
C VAL A 515 -4.00 14.87 -16.64
N TRP A 516 -4.08 14.48 -15.37
CA TRP A 516 -2.92 14.22 -14.52
C TRP A 516 -1.79 15.24 -14.65
N ASN A 517 -2.05 16.43 -14.13
CA ASN A 517 -1.05 17.46 -14.03
C ASN A 517 -0.40 17.43 -12.66
N THR A 518 0.49 16.46 -12.44
CA THR A 518 1.21 16.33 -11.17
C THR A 518 2.02 17.59 -10.85
N ASP A 519 2.43 18.30 -11.90
CA ASP A 519 3.12 19.59 -11.78
C ASP A 519 2.24 20.62 -11.09
N LEU A 520 0.95 20.64 -11.42
CA LEU A 520 -0.02 21.56 -10.84
C LEU A 520 -0.38 21.22 -9.39
N VAL A 521 -0.62 19.95 -9.10
CA VAL A 521 -1.02 19.53 -7.75
C VAL A 521 0.09 19.69 -6.72
N GLU A 522 1.34 19.48 -7.14
CA GLU A 522 2.48 19.65 -6.24
C GLU A 522 2.69 21.14 -5.91
N THR A 523 2.25 22.02 -6.81
CA THR A 523 2.30 23.46 -6.59
C THR A 523 1.19 23.89 -5.63
N LEU A 524 -0.01 23.35 -5.83
CA LEU A 524 -1.11 23.55 -4.89
C LEU A 524 -0.70 23.06 -3.51
N GLU A 525 0.05 21.96 -3.49
CA GLU A 525 0.62 21.43 -2.26
C GLU A 525 1.62 22.41 -1.65
N LEU A 526 2.36 23.12 -2.49
CA LEU A 526 3.33 24.12 -2.03
C LEU A 526 2.64 25.31 -1.36
N GLN A 527 1.52 25.76 -1.91
CA GLN A 527 0.71 26.82 -1.31
C GLN A 527 0.23 26.41 0.08
N ASN A 528 -0.20 25.15 0.18
CA ASN A 528 -0.66 24.59 1.45
C ASN A 528 0.48 24.39 2.45
N LEU A 529 1.63 23.95 1.95
CA LEU A 529 2.83 23.76 2.77
C LEU A 529 3.37 25.07 3.32
N MET A 530 3.35 26.11 2.49
CA MET A 530 3.78 27.45 2.89
C MET A 530 2.83 28.03 3.94
N LEU A 531 1.53 27.89 3.71
CA LEU A 531 0.52 28.36 4.67
C LEU A 531 0.66 27.63 6.01
N CYS A 532 1.07 26.38 5.96
CA CYS A 532 1.40 25.62 7.16
C CYS A 532 2.69 26.17 7.78
N ALA A 533 3.71 26.38 6.94
CA ALA A 533 5.03 26.83 7.40
C ALA A 533 4.98 28.17 8.16
N LEU A 534 4.27 29.15 7.58
CA LEU A 534 4.14 30.47 8.19
C LEU A 534 3.66 30.41 9.63
N GLN A 535 2.58 29.66 9.86
CA GLN A 535 1.97 29.53 11.19
C GLN A 535 2.86 28.71 12.14
N THR A 536 3.62 27.77 11.58
CA THR A 536 4.51 26.91 12.36
C THR A 536 5.67 27.71 12.96
N ILE A 537 6.32 28.52 12.14
CA ILE A 537 7.50 29.27 12.55
C ILE A 537 7.16 30.47 13.46
N TYR A 538 6.06 31.15 13.17
CA TYR A 538 5.64 32.34 13.93
C TYR A 538 5.16 31.99 15.34
N GLY A 539 4.46 30.87 15.46
CA GLY A 539 4.00 30.37 16.75
C GLY A 539 5.16 30.03 17.67
N ALA A 540 6.23 29.52 17.08
CA ALA A 540 7.45 29.17 17.82
C ALA A 540 8.19 30.40 18.31
N GLU A 541 8.26 31.44 17.48
CA GLU A 541 8.94 32.68 17.85
C GLU A 541 8.14 33.47 18.88
N ALA A 542 6.81 33.33 18.80
CA ALA A 542 5.92 33.99 19.76
C ALA A 542 5.97 33.32 21.12
N ARG A 543 5.99 31.98 21.12
CA ARG A 543 6.06 31.20 22.36
C ARG A 543 7.45 31.33 22.99
N LYS A 544 7.48 31.91 24.19
CA LYS A 544 8.72 32.20 24.89
C LYS A 544 8.91 31.27 26.10
N GLU A 545 8.86 29.97 25.85
CA GLU A 545 9.04 28.95 26.90
C GLU A 545 9.50 27.63 26.28
N SER A 546 9.90 26.69 27.13
CA SER A 546 10.20 25.32 26.71
C SER A 546 9.12 24.35 27.20
N ARG A 547 8.32 23.86 26.26
CA ARG A 547 7.21 22.95 26.56
C ARG A 547 7.14 21.80 25.56
N GLY A 548 7.42 20.59 26.05
CA GLY A 548 7.36 19.38 25.24
C GLY A 548 8.32 19.40 24.06
N ALA A 549 7.78 19.27 22.85
CA ALA A 549 8.56 19.28 21.62
C ALA A 549 9.18 20.65 21.33
N HIS A 550 8.41 21.71 21.60
CA HIS A 550 8.89 23.07 21.45
C HIS A 550 9.78 23.43 22.64
N ALA A 551 11.06 23.66 22.36
CA ALA A 551 12.01 24.01 23.41
C ALA A 551 12.83 25.24 23.01
N ARG A 552 12.62 26.33 23.75
CA ARG A 552 13.39 27.55 23.56
C ARG A 552 14.66 27.51 24.41
N GLU A 553 15.79 27.80 23.77
CA GLU A 553 17.07 27.87 24.46
C GLU A 553 17.15 29.13 25.32
N ASP A 554 16.40 30.17 24.93
CA ASP A 554 16.33 31.41 25.70
C ASP A 554 15.55 31.18 26.97
N PHE A 555 14.42 30.48 26.83
CA PHE A 555 13.51 30.24 27.94
C PHE A 555 13.28 28.74 28.15
N LYS A 556 14.29 28.06 28.69
CA LYS A 556 14.19 26.63 28.98
C LYS A 556 13.33 26.33 30.21
N GLU A 557 12.56 27.32 30.63
CA GLU A 557 11.63 27.20 31.76
C GLU A 557 10.21 26.88 31.30
N ARG A 558 9.58 25.95 32.01
CA ARG A 558 8.20 25.55 31.73
C ARG A 558 7.26 26.49 32.46
N VAL A 559 6.74 27.49 31.73
CA VAL A 559 5.95 28.57 32.33
C VAL A 559 4.46 28.21 32.40
N ASP A 560 3.97 27.97 33.61
CA ASP A 560 2.56 27.63 33.85
C ASP A 560 1.83 28.78 34.53
N GLU A 561 0.60 28.50 34.97
CA GLU A 561 -0.19 29.45 35.76
C GLU A 561 0.40 29.56 37.17
N TYR A 562 1.16 28.55 37.55
CA TYR A 562 1.85 28.52 38.84
C TYR A 562 3.26 27.96 38.68
N ASP A 563 4.09 28.17 39.70
CA ASP A 563 5.36 27.46 39.81
C ASP A 563 5.07 26.12 40.47
N TYR A 564 4.80 25.11 39.65
CA TYR A 564 4.35 23.80 40.13
C TYR A 564 5.44 22.95 40.80
N SER A 565 6.63 23.52 40.94
CA SER A 565 7.72 22.85 41.66
C SER A 565 7.46 22.84 43.17
N LYS A 566 6.98 23.97 43.69
CA LYS A 566 6.60 24.09 45.11
C LYS A 566 5.08 23.92 45.28
N PRO A 567 4.61 23.71 46.53
CA PRO A 567 3.18 23.55 46.82
C PRO A 567 2.27 24.63 46.22
N ILE A 568 1.03 24.24 45.92
CA ILE A 568 0.07 25.12 45.22
C ILE A 568 -0.45 26.29 46.04
N GLN A 569 -0.60 26.10 47.35
CA GLN A 569 -1.32 27.04 48.21
C GLN A 569 -0.78 28.48 48.24
N GLY A 570 0.51 28.63 48.56
CA GLY A 570 1.11 29.94 48.82
C GLY A 570 1.22 30.92 47.67
N GLN A 571 0.88 30.47 46.46
CA GLN A 571 0.99 31.29 45.26
C GLN A 571 -0.36 31.84 44.82
N GLN A 572 -0.33 32.95 44.07
CA GLN A 572 -1.53 33.43 43.39
C GLN A 572 -1.40 33.19 41.89
N LYS A 573 -2.55 32.90 41.26
CA LYS A 573 -2.63 32.57 39.84
C LYS A 573 -2.06 33.67 38.96
N LYS A 574 -1.28 33.27 37.95
CA LYS A 574 -0.82 34.20 36.92
C LYS A 574 -1.96 34.46 35.93
N PRO A 575 -2.13 35.73 35.53
CA PRO A 575 -3.17 36.09 34.55
C PRO A 575 -2.98 35.33 33.23
N PHE A 576 -4.09 34.97 32.59
CA PHE A 576 -4.08 34.15 31.37
C PHE A 576 -3.15 34.70 30.28
N GLN A 577 -3.09 36.03 30.16
CA GLN A 577 -2.25 36.67 29.14
C GLN A 577 -0.82 36.90 29.61
N GLU A 578 -0.41 36.24 30.69
CA GLU A 578 0.94 36.39 31.25
C GLU A 578 1.70 35.07 31.36
N HIS A 579 0.99 33.95 31.27
CA HIS A 579 1.63 32.63 31.28
C HIS A 579 1.52 31.91 29.93
N TRP A 580 2.19 30.76 29.80
CA TRP A 580 2.31 30.08 28.51
C TRP A 580 1.66 28.69 28.41
N ARG A 581 0.85 28.34 29.40
CA ARG A 581 0.11 27.08 29.36
C ARG A 581 -1.24 27.31 28.68
N LYS A 582 -1.19 27.51 27.37
CA LYS A 582 -2.37 27.81 26.56
C LYS A 582 -2.15 27.44 25.09
N HIS A 583 -3.25 27.25 24.36
CA HIS A 583 -3.19 26.84 22.95
C HIS A 583 -2.92 28.01 22.03
N THR A 584 -1.96 27.84 21.12
CA THR A 584 -1.65 28.84 20.12
C THR A 584 -2.66 28.78 18.99
N LEU A 585 -3.39 29.88 18.79
CA LEU A 585 -4.39 29.96 17.74
C LEU A 585 -3.93 30.87 16.63
N SER A 586 -3.36 30.29 15.59
CA SER A 586 -2.77 31.04 14.49
C SER A 586 -3.73 31.25 13.31
N TYR A 587 -3.80 32.49 12.85
CA TYR A 587 -4.50 32.86 11.62
C TYR A 587 -3.45 33.44 10.67
N VAL A 588 -3.78 33.46 9.38
CA VAL A 588 -2.93 34.14 8.40
C VAL A 588 -3.76 34.66 7.23
N ASP A 589 -3.57 35.95 6.92
CA ASP A 589 -4.18 36.55 5.75
C ASP A 589 -3.54 35.97 4.49
N VAL A 590 -4.38 35.58 3.54
CA VAL A 590 -3.92 34.89 2.34
C VAL A 590 -3.15 35.83 1.42
N LYS A 591 -3.61 37.08 1.31
CA LYS A 591 -3.03 38.04 0.38
C LYS A 591 -1.70 38.65 0.86
N THR A 592 -1.65 39.08 2.12
CA THR A 592 -0.45 39.71 2.66
C THR A 592 0.53 38.70 3.27
N GLY A 593 0.01 37.53 3.64
CA GLY A 593 0.83 36.50 4.28
C GLY A 593 1.30 36.90 5.68
N LYS A 594 0.41 37.56 6.42
CA LYS A 594 0.71 38.01 7.77
C LYS A 594 0.13 37.03 8.79
N VAL A 595 0.94 36.62 9.74
CA VAL A 595 0.52 35.66 10.75
C VAL A 595 0.14 36.37 12.05
N SER A 596 -1.16 36.66 12.21
CA SER A 596 -1.69 37.19 13.46
C SER A 596 -2.29 36.04 14.27
N LEU A 597 -1.90 35.95 15.55
CA LEU A 597 -2.31 34.83 16.39
C LEU A 597 -2.92 35.23 17.74
N GLU A 598 -3.72 34.31 18.30
CA GLU A 598 -4.35 34.48 19.60
C GLU A 598 -4.13 33.22 20.43
N TYR A 599 -4.80 33.14 21.59
CA TYR A 599 -4.67 32.00 22.50
C TYR A 599 -5.98 31.65 23.20
N ARG A 600 -6.15 30.36 23.51
CA ARG A 600 -7.26 29.88 24.34
C ARG A 600 -6.78 28.82 25.33
N PRO A 601 -7.44 28.72 26.50
CA PRO A 601 -6.98 27.82 27.55
C PRO A 601 -7.11 26.35 27.17
N VAL A 602 -6.26 25.52 27.76
CA VAL A 602 -6.42 24.08 27.64
C VAL A 602 -7.62 23.64 28.50
N ILE A 603 -8.11 22.43 28.27
CA ILE A 603 -9.17 21.88 29.10
C ILE A 603 -8.55 20.94 30.13
N ASP A 604 -8.87 21.18 31.40
CA ASP A 604 -8.37 20.35 32.49
C ASP A 604 -9.43 19.37 32.99
N LYS A 605 -10.67 19.84 33.08
CA LYS A 605 -11.79 19.00 33.51
C LYS A 605 -11.93 17.79 32.59
N THR A 606 -12.14 16.62 33.20
CA THR A 606 -12.36 15.39 32.44
C THR A 606 -13.84 15.23 32.16
N LEU A 607 -14.21 14.13 31.51
CA LEU A 607 -15.62 13.83 31.23
C LEU A 607 -16.38 13.37 32.48
N ASN A 608 -15.64 12.87 33.46
CA ASN A 608 -16.18 12.50 34.76
C ASN A 608 -15.05 12.45 35.79
N GLU A 609 -15.12 13.36 36.77
CA GLU A 609 -14.10 13.45 37.82
C GLU A 609 -14.09 12.20 38.70
N ALA A 610 -15.27 11.70 39.03
CA ALA A 610 -15.42 10.51 39.88
C ALA A 610 -14.95 9.23 39.20
N ASP A 611 -14.94 9.22 37.87
CA ASP A 611 -14.50 8.07 37.10
C ASP A 611 -13.04 8.19 36.67
N CYS A 612 -12.64 9.42 36.36
CA CYS A 612 -11.28 9.71 35.90
C CYS A 612 -10.84 11.09 36.39
N ALA A 613 -9.94 11.10 37.39
CA ALA A 613 -9.51 12.33 38.04
C ALA A 613 -8.60 13.18 37.17
N THR A 614 -8.78 14.50 37.27
CA THR A 614 -7.90 15.47 36.61
C THR A 614 -6.50 15.36 37.19
N VAL A 615 -5.50 15.30 36.32
CA VAL A 615 -4.10 15.26 36.75
C VAL A 615 -3.48 16.65 36.65
N PRO A 616 -3.26 17.31 37.81
CA PRO A 616 -2.70 18.65 37.84
C PRO A 616 -1.25 18.66 37.35
N PRO A 617 -0.81 19.80 36.76
CA PRO A 617 0.56 19.96 36.26
C PRO A 617 1.64 19.57 37.29
N ALA A 618 2.71 18.97 36.81
CA ALA A 618 3.81 18.52 37.68
C ALA A 618 5.17 18.66 36.98
N ILE A 619 6.23 18.20 37.64
CA ILE A 619 7.58 18.21 37.08
C ILE A 619 7.67 17.29 35.86
N ARG A 620 8.46 17.70 34.86
CA ARG A 620 8.54 16.99 33.59
C ARG A 620 9.92 16.36 33.32
N SER A 621 10.02 15.06 33.60
CA SER A 621 11.22 14.26 33.31
C SER A 621 10.94 12.77 33.53
N TYR A 622 11.19 11.97 32.49
CA TYR A 622 11.05 10.52 32.58
C TYR A 622 12.37 9.85 32.97
N PRO B 9 31.87 13.82 -12.11
CA PRO B 9 30.69 13.71 -12.96
C PRO B 9 30.41 12.27 -13.39
N ARG B 10 29.27 11.75 -12.96
CA ARG B 10 28.84 10.39 -13.31
C ARG B 10 27.44 10.38 -13.93
N ILE B 11 27.40 10.53 -15.25
CA ILE B 11 26.14 10.69 -16.00
C ILE B 11 25.50 9.35 -16.34
N LYS B 12 24.24 9.20 -15.95
CA LYS B 12 23.44 8.00 -16.25
C LYS B 12 22.23 8.38 -17.12
N LYS B 13 22.02 7.60 -18.18
CA LYS B 13 20.92 7.84 -19.11
C LYS B 13 19.67 7.06 -18.70
N PHE B 14 18.52 7.72 -18.76
CA PHE B 14 17.23 7.09 -18.46
C PHE B 14 16.27 7.22 -19.64
N ALA B 15 15.86 6.08 -20.20
CA ALA B 15 14.88 6.04 -21.29
C ALA B 15 13.48 5.80 -20.72
N ILE B 16 12.60 6.79 -20.87
CA ILE B 16 11.28 6.74 -20.22
C ILE B 16 10.12 6.94 -21.20
N TYR B 17 9.09 6.11 -21.04
CA TYR B 17 7.86 6.15 -21.85
C TYR B 17 7.02 7.37 -21.50
N ARG B 18 6.62 8.12 -22.53
CA ARG B 18 5.85 9.34 -22.34
C ARG B 18 4.71 9.49 -23.35
N TRP B 19 3.49 9.69 -22.84
CA TRP B 19 2.33 10.00 -23.67
C TRP B 19 1.37 10.97 -22.98
N ASP B 20 1.14 12.12 -23.62
CA ASP B 20 0.27 13.16 -23.08
C ASP B 20 -1.08 13.19 -23.81
N PRO B 21 -2.18 12.85 -23.11
CA PRO B 21 -3.52 12.88 -23.69
C PRO B 21 -4.06 14.28 -23.94
N ASP B 22 -3.34 15.30 -23.48
CA ASP B 22 -3.75 16.69 -23.67
C ASP B 22 -2.99 17.36 -24.82
N LYS B 23 -2.56 16.53 -25.78
CA LYS B 23 -1.88 16.99 -26.99
C LYS B 23 -2.34 16.11 -28.15
N THR B 24 -3.10 16.70 -29.08
CA THR B 24 -3.69 15.95 -30.19
C THR B 24 -2.61 15.52 -31.19
N GLY B 25 -2.63 14.23 -31.55
CA GLY B 25 -1.67 13.68 -32.48
C GLY B 25 -0.48 13.02 -31.82
N ASP B 26 -0.16 13.47 -30.60
CA ASP B 26 0.94 12.92 -29.82
C ASP B 26 0.68 11.45 -29.47
N LYS B 27 1.53 10.57 -29.99
CA LYS B 27 1.42 9.14 -29.73
C LYS B 27 2.52 8.67 -28.75
N PRO B 28 2.44 7.41 -28.29
CA PRO B 28 3.44 6.88 -27.36
C PRO B 28 4.87 6.94 -27.90
N HIS B 29 5.79 7.45 -27.09
CA HIS B 29 7.20 7.53 -27.44
C HIS B 29 8.10 7.63 -26.22
N MET B 30 9.37 7.28 -26.40
CA MET B 30 10.37 7.31 -25.33
C MET B 30 11.06 8.66 -25.25
N GLN B 31 11.57 8.98 -24.06
CA GLN B 31 12.33 10.21 -23.84
C GLN B 31 13.48 9.94 -22.88
N THR B 32 14.67 10.41 -23.25
CA THR B 32 15.87 10.15 -22.47
C THR B 32 16.26 11.34 -21.59
N TYR B 33 16.68 11.05 -20.37
CA TYR B 33 17.17 12.06 -19.43
C TYR B 33 18.53 11.67 -18.88
N GLU B 34 19.46 12.63 -18.88
CA GLU B 34 20.80 12.42 -18.34
C GLU B 34 20.94 12.99 -16.92
N ILE B 35 21.43 12.17 -16.00
CA ILE B 35 21.51 12.54 -14.58
C ILE B 35 22.84 12.15 -13.93
N ASP B 36 23.44 13.09 -13.21
CA ASP B 36 24.64 12.83 -12.41
C ASP B 36 24.23 12.07 -11.15
N LEU B 37 24.82 10.90 -10.96
CA LEU B 37 24.44 10.00 -9.86
C LEU B 37 24.91 10.46 -8.49
N ASN B 38 26.00 11.22 -8.45
CA ASN B 38 26.55 11.73 -7.18
C ASN B 38 25.73 12.88 -6.58
N ASN B 39 24.90 13.50 -7.42
CA ASN B 39 23.92 14.49 -6.98
C ASN B 39 22.58 13.83 -6.60
N CYS B 40 22.35 12.65 -7.15
CA CYS B 40 21.06 11.96 -7.06
C CYS B 40 21.04 10.82 -6.04
N GLY B 41 19.85 10.45 -5.59
CA GLY B 41 19.66 9.34 -4.66
C GLY B 41 19.87 7.99 -5.30
N PRO B 42 20.03 6.93 -4.47
CA PRO B 42 20.37 5.58 -4.94
C PRO B 42 19.24 4.82 -5.63
N MET B 43 17.99 5.19 -5.37
CA MET B 43 16.83 4.47 -5.92
C MET B 43 16.31 5.10 -7.21
N VAL B 44 15.61 4.28 -8.01
CA VAL B 44 15.09 4.71 -9.31
C VAL B 44 14.16 5.93 -9.20
N LEU B 45 13.26 5.90 -8.21
CA LEU B 45 12.33 7.01 -7.98
C LEU B 45 13.06 8.32 -7.68
N ASP B 46 14.17 8.23 -6.96
CA ASP B 46 15.01 9.39 -6.68
C ASP B 46 15.43 10.09 -7.97
N ALA B 47 15.64 9.29 -9.01
CA ALA B 47 15.98 9.80 -10.34
C ALA B 47 14.75 10.34 -11.06
N LEU B 48 13.62 9.66 -10.91
CA LEU B 48 12.35 10.12 -11.47
C LEU B 48 11.95 11.44 -10.84
N ILE B 49 12.17 11.55 -9.53
CA ILE B 49 11.92 12.79 -8.77
C ILE B 49 12.88 13.90 -9.18
N LYS B 50 14.16 13.55 -9.39
CA LYS B 50 15.18 14.52 -9.77
C LYS B 50 14.88 15.16 -11.12
N ILE B 51 14.53 14.35 -12.12
CA ILE B 51 14.23 14.87 -13.46
C ILE B 51 12.92 15.66 -13.49
N LYS B 52 11.95 15.21 -12.68
CA LYS B 52 10.68 15.90 -12.54
C LYS B 52 10.89 17.30 -11.97
N ASN B 53 11.73 17.39 -10.94
CA ASN B 53 11.99 18.65 -10.26
C ASN B 53 12.92 19.60 -11.01
N GLU B 54 13.91 19.04 -11.70
CA GLU B 54 14.99 19.84 -12.28
C GLU B 54 14.97 19.95 -13.80
N ILE B 55 14.70 18.83 -14.47
CA ILE B 55 14.79 18.76 -15.93
C ILE B 55 13.44 18.99 -16.61
N ASP B 56 12.47 18.11 -16.35
CA ASP B 56 11.16 18.16 -17.00
C ASP B 56 10.04 17.92 -15.99
N SER B 57 9.30 18.98 -15.66
CA SER B 57 8.16 18.88 -14.75
C SER B 57 6.88 18.49 -15.50
N THR B 58 6.98 17.42 -16.29
CA THR B 58 5.84 16.86 -17.00
C THR B 58 5.77 15.35 -16.79
N LEU B 59 6.89 14.77 -16.37
CA LEU B 59 6.96 13.35 -16.08
C LEU B 59 6.01 12.99 -14.94
N THR B 60 4.81 12.55 -15.33
CA THR B 60 3.72 12.34 -14.39
C THR B 60 3.68 10.88 -13.92
N PHE B 61 4.03 10.65 -12.65
CA PHE B 61 4.01 9.31 -12.07
C PHE B 61 3.31 9.29 -10.72
N ARG B 62 3.26 8.10 -10.10
CA ARG B 62 2.69 7.94 -8.76
C ARG B 62 3.79 7.69 -7.75
N ARG B 63 3.84 8.52 -6.71
CA ARG B 63 4.79 8.35 -5.61
C ARG B 63 4.18 8.84 -4.30
N SER B 64 4.46 8.13 -3.20
CA SER B 64 3.98 8.58 -1.89
C SER B 64 5.02 8.45 -0.78
N CYS B 65 5.34 7.22 -0.39
CA CYS B 65 6.19 6.97 0.77
C CYS B 65 7.70 6.96 0.49
N ARG B 66 8.08 6.50 -0.70
CA ARG B 66 9.47 6.13 -1.02
C ARG B 66 10.11 5.23 0.05
N GLU B 67 9.33 4.25 0.50
CA GLU B 67 9.64 3.42 1.67
C GLU B 67 9.39 1.95 1.36
N GLY B 68 8.61 1.69 0.31
CA GLY B 68 8.31 0.34 -0.16
C GLY B 68 7.15 -0.34 0.52
N ILE B 69 6.15 0.43 0.92
CA ILE B 69 4.98 -0.10 1.65
C ILE B 69 3.62 0.46 1.21
N CYS B 70 3.61 1.47 0.35
CA CYS B 70 2.36 2.04 -0.14
C CYS B 70 1.94 1.47 -1.52
N GLY B 71 2.91 1.25 -2.39
CA GLY B 71 2.67 0.60 -3.68
C GLY B 71 2.33 1.56 -4.82
N SER B 72 2.70 2.83 -4.66
CA SER B 72 2.50 3.83 -5.71
C SER B 72 3.50 3.65 -6.85
N CYS B 73 4.76 3.40 -6.48
CA CYS B 73 5.90 3.31 -7.41
C CYS B 73 5.79 2.28 -8.53
N ALA B 74 4.89 1.31 -8.36
CA ALA B 74 4.76 0.19 -9.29
C ALA B 74 4.92 0.60 -10.75
N MET B 75 5.98 0.09 -11.38
CA MET B 75 6.25 0.30 -12.80
C MET B 75 7.25 -0.73 -13.32
N ASN B 76 7.32 -0.88 -14.64
CA ASN B 76 8.24 -1.82 -15.27
C ASN B 76 9.60 -1.18 -15.57
N ILE B 77 10.57 -1.44 -14.71
CA ILE B 77 11.94 -1.00 -14.97
C ILE B 77 12.73 -2.17 -15.55
N ASN B 78 13.32 -1.95 -16.73
CA ASN B 78 14.20 -2.92 -17.40
C ASN B 78 13.60 -4.32 -17.58
N GLY B 79 12.28 -4.39 -17.70
CA GLY B 79 11.59 -5.66 -17.95
C GLY B 79 11.02 -6.35 -16.72
N GLY B 80 11.17 -5.72 -15.56
CA GLY B 80 10.66 -6.29 -14.31
C GLY B 80 9.75 -5.33 -13.57
N ASN B 81 8.63 -5.86 -13.07
CA ASN B 81 7.65 -5.06 -12.34
C ASN B 81 8.00 -4.96 -10.86
N THR B 82 8.67 -3.88 -10.48
CA THR B 82 8.98 -3.61 -9.07
C THR B 82 8.62 -2.19 -8.67
N LEU B 83 8.85 -1.88 -7.39
CA LEU B 83 8.69 -0.54 -6.88
C LEU B 83 9.95 0.27 -7.21
N ALA B 84 9.75 1.49 -7.69
CA ALA B 84 10.84 2.39 -8.07
C ALA B 84 11.69 2.82 -6.88
N CYS B 85 11.10 2.76 -5.68
CA CYS B 85 11.80 3.11 -4.45
C CYS B 85 12.56 1.93 -3.83
N THR B 86 12.38 0.75 -4.41
CA THR B 86 13.08 -0.45 -3.93
C THR B 86 14.22 -0.85 -4.87
N ARG B 87 14.01 -0.65 -6.18
CA ARG B 87 15.04 -0.91 -7.18
C ARG B 87 16.09 0.19 -7.15
N ARG B 88 17.31 -0.16 -6.76
CA ARG B 88 18.43 0.78 -6.77
C ARG B 88 19.02 0.90 -8.18
N ILE B 89 19.32 2.12 -8.59
CA ILE B 89 19.80 2.40 -9.96
C ILE B 89 21.07 1.62 -10.27
N ASP B 90 21.19 1.20 -11.53
CA ASP B 90 22.39 0.52 -12.01
C ASP B 90 23.51 1.54 -12.20
N THR B 91 24.55 1.43 -11.36
CA THR B 91 25.72 2.31 -11.42
C THR B 91 26.51 2.09 -12.71
N ASN B 92 26.16 1.03 -13.44
CA ASN B 92 26.71 0.76 -14.76
C ASN B 92 26.26 1.83 -15.76
N LEU B 93 27.15 2.80 -15.99
CA LEU B 93 26.86 3.96 -16.83
C LEU B 93 26.79 3.63 -18.31
N ASP B 94 27.37 2.49 -18.68
CA ASP B 94 27.34 2.00 -20.06
C ASP B 94 25.95 1.55 -20.47
N LYS B 95 25.12 1.20 -19.48
CA LYS B 95 23.74 0.79 -19.71
C LYS B 95 22.78 1.95 -19.49
N VAL B 96 21.75 2.00 -20.33
CA VAL B 96 20.68 3.00 -20.20
C VAL B 96 19.43 2.36 -19.59
N SER B 97 19.04 2.85 -18.40
CA SER B 97 17.87 2.31 -17.71
C SER B 97 16.57 2.65 -18.45
N LYS B 98 15.78 1.62 -18.73
CA LYS B 98 14.51 1.76 -19.43
C LYS B 98 13.34 1.69 -18.45
N ILE B 99 12.60 2.79 -18.36
CA ILE B 99 11.44 2.90 -17.47
C ILE B 99 10.16 2.86 -18.28
N TYR B 100 9.30 1.89 -17.95
CA TYR B 100 8.03 1.68 -18.64
C TYR B 100 6.87 1.61 -17.65
N PRO B 101 5.64 1.93 -18.11
CA PRO B 101 4.45 1.71 -17.30
C PRO B 101 4.15 0.22 -17.16
N LEU B 102 3.42 -0.14 -16.09
CA LEU B 102 3.03 -1.53 -15.86
C LEU B 102 2.43 -2.13 -17.13
N PRO B 103 2.90 -3.33 -17.52
CA PRO B 103 2.60 -3.98 -18.80
C PRO B 103 1.12 -4.26 -19.06
N HIS B 104 0.76 -4.23 -20.35
CA HIS B 104 -0.62 -4.38 -20.82
C HIS B 104 -1.66 -3.72 -19.92
N MET B 105 -1.56 -2.41 -19.81
CA MET B 105 -2.54 -1.60 -19.08
C MET B 105 -2.78 -0.32 -19.86
N TYR B 106 -3.99 0.21 -19.76
CA TYR B 106 -4.33 1.48 -20.40
C TYR B 106 -3.58 2.63 -19.74
N VAL B 107 -2.74 3.30 -20.52
CA VAL B 107 -1.94 4.41 -20.02
C VAL B 107 -2.78 5.68 -19.93
N ILE B 108 -2.94 6.18 -18.71
CA ILE B 108 -3.64 7.44 -18.48
C ILE B 108 -2.76 8.59 -18.94
N LYS B 109 -1.48 8.52 -18.56
CA LYS B 109 -0.46 9.51 -18.94
C LYS B 109 0.88 9.06 -18.34
N ASP B 110 1.91 9.01 -19.18
CA ASP B 110 3.30 8.75 -18.75
C ASP B 110 3.45 7.88 -17.51
N LEU B 111 3.50 6.55 -17.68
CA LEU B 111 3.74 5.64 -16.54
C LEU B 111 2.59 5.49 -15.53
N VAL B 112 1.49 6.21 -15.74
CA VAL B 112 0.32 6.10 -14.88
C VAL B 112 -0.73 5.20 -15.53
N PRO B 113 -0.95 4.00 -14.96
CA PRO B 113 -1.92 3.04 -15.49
C PRO B 113 -3.33 3.23 -14.92
N ASP B 114 -4.32 2.62 -15.57
CA ASP B 114 -5.70 2.62 -15.08
C ASP B 114 -5.96 1.38 -14.23
N LEU B 115 -5.93 1.55 -12.92
CA LEU B 115 -6.02 0.42 -11.99
C LEU B 115 -7.45 0.16 -11.49
N SER B 116 -8.43 0.88 -12.06
CA SER B 116 -9.82 0.77 -11.65
C SER B 116 -10.33 -0.67 -11.63
N ASN B 117 -10.13 -1.38 -12.74
CA ASN B 117 -10.53 -2.78 -12.86
C ASN B 117 -9.81 -3.68 -11.84
N PHE B 118 -8.52 -3.42 -11.67
CA PHE B 118 -7.68 -4.15 -10.70
C PHE B 118 -8.25 -4.06 -9.28
N TYR B 119 -8.57 -2.84 -8.85
CA TYR B 119 -9.19 -2.61 -7.55
C TYR B 119 -10.57 -3.24 -7.50
N ALA B 120 -11.31 -3.09 -8.60
CA ALA B 120 -12.70 -3.57 -8.70
C ALA B 120 -12.81 -5.08 -8.49
N GLN B 121 -11.81 -5.81 -8.98
CA GLN B 121 -11.73 -7.25 -8.75
C GLN B 121 -11.47 -7.56 -7.28
N TYR B 122 -10.58 -6.78 -6.66
CA TYR B 122 -10.27 -6.92 -5.23
C TYR B 122 -11.52 -6.76 -4.36
N LYS B 123 -12.41 -5.86 -4.79
CA LYS B 123 -13.69 -5.67 -4.11
C LYS B 123 -14.59 -6.90 -4.21
N SER B 124 -14.49 -7.63 -5.32
CA SER B 124 -15.41 -8.74 -5.60
C SER B 124 -15.22 -9.96 -4.70
N ILE B 125 -14.02 -10.10 -4.13
CA ILE B 125 -13.72 -11.24 -3.27
C ILE B 125 -14.08 -11.00 -1.80
N GLU B 126 -14.56 -9.79 -1.50
CA GLU B 126 -14.94 -9.39 -0.13
C GLU B 126 -13.78 -9.54 0.86
N PRO B 127 -12.77 -8.65 0.79
CA PRO B 127 -11.63 -8.75 1.69
C PRO B 127 -11.93 -8.24 3.11
N TYR B 128 -12.90 -8.87 3.77
CA TYR B 128 -13.22 -8.57 5.16
C TYR B 128 -13.70 -9.82 5.89
N LEU B 129 -13.55 -9.82 7.21
CA LEU B 129 -13.96 -10.94 8.04
C LEU B 129 -15.46 -11.13 7.98
N LYS B 130 -15.89 -12.38 7.80
CA LYS B 130 -17.32 -12.70 7.77
C LYS B 130 -17.67 -13.80 8.77
N LYS B 131 -18.54 -13.47 9.72
CA LYS B 131 -19.01 -14.42 10.73
C LYS B 131 -20.48 -14.76 10.48
N LYS B 132 -20.83 -16.04 10.69
CA LYS B 132 -22.20 -16.53 10.44
C LYS B 132 -23.24 -15.85 11.31
N ASP B 133 -22.87 -15.57 12.56
CA ASP B 133 -23.69 -14.77 13.46
C ASP B 133 -22.81 -13.81 14.22
N GLU B 134 -22.69 -12.59 13.70
CA GLU B 134 -21.89 -11.53 14.34
C GLU B 134 -22.76 -10.50 15.06
N SER B 135 -23.79 -10.98 15.74
CA SER B 135 -24.64 -10.12 16.58
C SER B 135 -23.95 -9.82 17.90
N GLN B 136 -22.85 -10.51 18.16
CA GLN B 136 -22.04 -10.31 19.35
C GLN B 136 -20.73 -9.58 19.06
N GLU B 137 -20.56 -9.15 17.81
CA GLU B 137 -19.30 -8.51 17.38
C GLU B 137 -19.10 -7.11 17.98
N GLY B 138 -17.84 -6.69 18.00
CA GLY B 138 -17.47 -5.37 18.51
C GLY B 138 -16.97 -5.35 19.95
N LYS B 139 -17.51 -6.25 20.78
CA LYS B 139 -17.28 -6.20 22.23
C LYS B 139 -16.21 -7.15 22.79
N GLN B 140 -15.99 -8.28 22.11
CA GLN B 140 -14.99 -9.25 22.56
C GLN B 140 -14.05 -9.68 21.46
N GLN B 141 -12.75 -9.68 21.78
CA GLN B 141 -11.72 -10.11 20.83
C GLN B 141 -11.85 -11.59 20.49
N TYR B 142 -11.78 -11.91 19.21
CA TYR B 142 -11.84 -13.30 18.75
C TYR B 142 -10.53 -14.02 19.06
N LEU B 143 -10.65 -15.27 19.51
CA LEU B 143 -9.47 -16.06 19.85
C LEU B 143 -8.82 -16.66 18.61
N GLN B 144 -7.50 -16.64 18.60
CA GLN B 144 -6.70 -17.20 17.51
C GLN B 144 -5.34 -17.63 18.05
N SER B 145 -4.97 -18.89 17.80
CA SER B 145 -3.69 -19.42 18.26
C SER B 145 -2.52 -18.79 17.50
N ILE B 146 -1.35 -18.79 18.13
CA ILE B 146 -0.13 -18.27 17.50
C ILE B 146 0.18 -18.99 16.18
N GLU B 147 -0.21 -20.26 16.10
CA GLU B 147 -0.02 -21.07 14.90
C GLU B 147 -0.96 -20.63 13.79
N GLU B 148 -2.23 -20.37 14.14
CA GLU B 148 -3.23 -19.89 13.19
C GLU B 148 -2.90 -18.50 12.66
N ARG B 149 -2.06 -17.78 13.41
CA ARG B 149 -1.60 -16.46 13.01
C ARG B 149 -0.52 -16.54 11.92
N GLU B 150 0.35 -17.54 12.04
CA GLU B 150 1.43 -17.75 11.06
C GLU B 150 0.88 -18.14 9.69
N LYS B 151 -0.27 -18.79 9.68
CA LYS B 151 -0.97 -19.15 8.45
C LYS B 151 -1.30 -17.95 7.57
N LEU B 152 -1.16 -16.76 8.15
CA LEU B 152 -1.43 -15.50 7.45
C LEU B 152 -0.15 -14.80 7.00
N ASP B 153 0.98 -15.21 7.57
CA ASP B 153 2.27 -14.65 7.18
C ASP B 153 2.56 -14.90 5.71
N GLY B 154 3.12 -13.89 5.06
CA GLY B 154 3.40 -13.96 3.62
C GLY B 154 2.19 -13.68 2.76
N LEU B 155 1.06 -13.40 3.39
CA LEU B 155 -0.21 -13.19 2.67
C LEU B 155 -0.80 -11.79 2.85
N TYR B 156 -0.81 -11.28 4.08
CA TYR B 156 -1.37 -9.95 4.35
C TYR B 156 -0.43 -8.82 3.91
N GLU B 157 0.88 -9.06 3.98
CA GLU B 157 1.90 -8.07 3.65
C GLU B 157 1.71 -7.40 2.30
N CYS B 158 1.03 -8.10 1.39
CA CYS B 158 0.72 -7.62 0.05
C CYS B 158 0.14 -6.21 0.09
N ILE B 159 0.85 -5.25 -0.52
CA ILE B 159 0.41 -3.85 -0.53
C ILE B 159 -0.47 -3.49 -1.73
N LEU B 160 -0.81 -4.50 -2.53
CA LEU B 160 -1.63 -4.35 -3.74
C LEU B 160 -1.01 -3.37 -4.72
N CYS B 161 0.27 -3.59 -5.04
CA CYS B 161 1.01 -2.73 -5.95
C CYS B 161 0.70 -3.06 -7.41
N ALA B 162 0.07 -4.21 -7.62
CA ALA B 162 -0.34 -4.68 -8.94
C ALA B 162 0.84 -5.03 -9.87
N CYS B 163 1.98 -5.37 -9.28
CA CYS B 163 3.13 -5.79 -10.04
C CYS B 163 2.99 -7.24 -10.51
N CYS B 164 2.47 -8.09 -9.63
CA CYS B 164 2.35 -9.53 -9.91
C CYS B 164 1.23 -9.83 -10.89
N SER B 165 0.04 -9.27 -10.64
CA SER B 165 -1.11 -9.47 -11.52
C SER B 165 -0.81 -8.94 -12.91
N THR B 166 -0.06 -7.85 -12.97
CA THR B 166 0.27 -7.21 -14.24
C THR B 166 1.45 -7.91 -14.96
N SER B 167 2.16 -8.79 -14.24
CA SER B 167 3.24 -9.59 -14.81
C SER B 167 2.75 -10.90 -15.40
N CYS B 168 1.55 -11.32 -14.99
CA CYS B 168 0.96 -12.57 -15.45
C CYS B 168 0.45 -12.44 -16.89
N PRO B 169 0.91 -13.34 -17.77
CA PRO B 169 0.47 -13.38 -19.16
C PRO B 169 -1.02 -13.66 -19.32
N SER B 170 -1.59 -14.45 -18.42
CA SER B 170 -3.04 -14.71 -18.43
C SER B 170 -3.84 -13.46 -18.11
N TYR B 171 -3.29 -12.60 -17.26
CA TYR B 171 -3.92 -11.32 -16.93
C TYR B 171 -3.75 -10.31 -18.09
N TRP B 172 -2.69 -10.46 -18.87
CA TRP B 172 -2.50 -9.65 -20.07
C TRP B 172 -3.65 -9.91 -21.04
N TRP B 173 -3.91 -11.18 -21.31
CA TRP B 173 -4.93 -11.58 -22.28
C TRP B 173 -6.34 -11.49 -21.69
N ASN B 174 -6.53 -12.08 -20.52
CA ASN B 174 -7.87 -12.21 -19.94
C ASN B 174 -8.03 -11.41 -18.65
N GLY B 175 -7.55 -10.17 -18.67
CA GLY B 175 -7.65 -9.27 -17.53
C GLY B 175 -9.06 -8.94 -17.11
N ASP B 176 -9.98 -8.96 -18.08
CA ASP B 176 -11.40 -8.67 -17.85
C ASP B 176 -12.07 -9.66 -16.91
N LYS B 177 -11.79 -10.95 -17.10
CA LYS B 177 -12.53 -12.02 -16.44
C LYS B 177 -11.73 -12.78 -15.37
N TYR B 178 -10.41 -12.87 -15.56
CA TYR B 178 -9.53 -13.54 -14.60
C TYR B 178 -9.03 -12.53 -13.56
N LEU B 179 -9.06 -12.95 -12.30
CA LEU B 179 -8.77 -12.08 -11.17
C LEU B 179 -7.29 -11.68 -11.04
N GLY B 180 -6.40 -12.59 -11.41
CA GLY B 180 -4.97 -12.35 -11.24
C GLY B 180 -4.50 -12.74 -9.85
N PRO B 181 -3.17 -12.95 -9.70
CA PRO B 181 -2.57 -13.38 -8.42
C PRO B 181 -2.86 -12.44 -7.25
N ALA B 182 -2.62 -11.14 -7.43
CA ALA B 182 -2.81 -10.15 -6.36
C ALA B 182 -4.13 -10.35 -5.62
N VAL B 183 -5.23 -10.33 -6.38
CA VAL B 183 -6.58 -10.50 -5.85
C VAL B 183 -6.80 -11.92 -5.31
N LEU B 184 -6.27 -12.91 -6.02
CA LEU B 184 -6.42 -14.31 -5.63
C LEU B 184 -5.66 -14.66 -4.35
N MET B 185 -4.52 -14.00 -4.14
CA MET B 185 -3.74 -14.24 -2.93
C MET B 185 -4.52 -13.75 -1.71
N GLN B 186 -5.15 -12.59 -1.85
CA GLN B 186 -6.01 -12.03 -0.82
C GLN B 186 -7.24 -12.90 -0.55
N ALA B 187 -7.74 -13.54 -1.60
CA ALA B 187 -8.83 -14.51 -1.45
C ALA B 187 -8.37 -15.66 -0.55
N TYR B 188 -7.13 -16.10 -0.74
CA TYR B 188 -6.54 -17.13 0.11
C TYR B 188 -6.25 -16.58 1.51
N ARG B 189 -5.78 -15.32 1.56
CA ARG B 189 -5.49 -14.61 2.80
C ARG B 189 -6.69 -14.63 3.75
N TRP B 190 -7.89 -14.61 3.18
CA TRP B 190 -9.14 -14.67 3.93
C TRP B 190 -9.72 -16.08 4.05
N MET B 191 -9.19 -16.99 3.24
CA MET B 191 -9.63 -18.38 3.28
C MET B 191 -9.14 -19.10 4.53
N ILE B 192 -7.82 -19.09 4.77
CA ILE B 192 -7.27 -19.77 5.94
C ILE B 192 -7.22 -18.90 7.20
N ASP B 193 -7.80 -17.69 7.13
CA ASP B 193 -8.00 -16.90 8.33
C ASP B 193 -9.05 -17.62 9.16
N SER B 194 -8.61 -18.15 10.31
CA SER B 194 -9.41 -19.03 11.15
C SER B 194 -10.71 -18.40 11.63
N ARG B 195 -10.69 -17.08 11.81
CA ARG B 195 -11.86 -16.34 12.28
C ARG B 195 -13.02 -16.34 11.29
N ASP B 196 -12.68 -16.32 9.99
CA ASP B 196 -13.68 -16.28 8.93
C ASP B 196 -14.51 -17.56 8.86
N ASP B 197 -15.83 -17.38 8.77
CA ASP B 197 -16.77 -18.51 8.73
C ASP B 197 -17.21 -18.87 7.31
N PHE B 198 -16.96 -17.96 6.37
CA PHE B 198 -17.47 -18.09 5.01
C PHE B 198 -16.48 -18.74 4.04
N THR B 199 -15.76 -19.76 4.53
CA THR B 199 -14.68 -20.39 3.76
C THR B 199 -15.18 -21.21 2.55
N GLU B 200 -16.32 -21.86 2.71
CA GLU B 200 -16.88 -22.71 1.65
C GLU B 200 -17.43 -21.90 0.49
N GLU B 201 -18.20 -20.86 0.82
CA GLU B 201 -18.80 -19.98 -0.19
C GLU B 201 -17.78 -19.08 -0.90
N ARG B 202 -16.63 -18.87 -0.26
CA ARG B 202 -15.52 -18.14 -0.88
C ARG B 202 -14.90 -18.93 -2.03
N LEU B 203 -14.79 -20.26 -1.83
CA LEU B 203 -14.29 -21.16 -2.86
C LEU B 203 -15.28 -21.30 -4.01
N ALA B 204 -16.56 -21.39 -3.67
CA ALA B 204 -17.63 -21.54 -4.65
C ALA B 204 -17.76 -20.32 -5.58
N LYS B 205 -17.19 -19.20 -5.14
CA LYS B 205 -17.16 -17.96 -5.92
C LYS B 205 -16.17 -18.04 -7.09
N LEU B 206 -15.35 -19.09 -7.08
CA LEU B 206 -14.33 -19.30 -8.11
C LEU B 206 -14.68 -20.47 -9.03
N GLN B 207 -15.96 -20.85 -9.03
CA GLN B 207 -16.44 -22.00 -9.80
C GLN B 207 -16.76 -21.66 -11.25
N ASP B 208 -15.76 -21.13 -11.96
CA ASP B 208 -15.88 -20.84 -13.39
C ASP B 208 -14.49 -20.86 -14.03
N PRO B 209 -14.43 -21.11 -15.36
CA PRO B 209 -13.18 -21.25 -16.09
C PRO B 209 -12.21 -20.07 -15.97
N PHE B 210 -12.73 -18.88 -15.68
CA PHE B 210 -11.92 -17.66 -15.71
C PHE B 210 -11.40 -17.17 -14.37
N SER B 211 -12.30 -17.06 -13.37
CA SER B 211 -11.96 -16.43 -12.09
C SER B 211 -10.65 -16.91 -11.48
N LEU B 212 -10.48 -18.23 -11.41
CA LEU B 212 -9.28 -18.83 -10.84
C LEU B 212 -8.52 -19.65 -11.87
N TYR B 213 -9.26 -20.37 -12.70
CA TYR B 213 -8.67 -21.37 -13.61
C TYR B 213 -8.14 -20.81 -14.92
N ARG B 214 -7.64 -19.59 -14.87
CA ARG B 214 -6.83 -19.03 -15.96
C ARG B 214 -5.36 -19.07 -15.58
N CYS B 215 -5.08 -19.53 -14.37
CA CYS B 215 -3.72 -19.77 -13.92
C CYS B 215 -3.17 -21.02 -14.61
N HIS B 216 -1.93 -20.94 -15.07
CA HIS B 216 -1.25 -22.07 -15.68
C HIS B 216 0.17 -22.15 -15.12
N THR B 217 0.31 -21.73 -13.86
CA THR B 217 1.60 -21.63 -13.16
C THR B 217 2.76 -21.17 -14.06
N ILE B 218 2.57 -20.00 -14.68
CA ILE B 218 3.61 -19.33 -15.46
C ILE B 218 4.65 -18.74 -14.52
N MET B 219 4.20 -18.28 -13.35
CA MET B 219 5.06 -17.94 -12.22
C MET B 219 5.73 -16.57 -12.27
N ASN B 220 5.35 -15.74 -13.23
CA ASN B 220 5.88 -14.36 -13.30
C ASN B 220 5.56 -13.54 -12.07
N CYS B 221 4.45 -13.88 -11.41
CA CYS B 221 3.97 -13.18 -10.22
C CYS B 221 4.97 -13.25 -9.07
N THR B 222 5.34 -14.46 -8.68
CA THR B 222 6.30 -14.67 -7.60
C THR B 222 7.65 -14.06 -7.96
N GLY B 223 8.04 -14.23 -9.22
CA GLY B 223 9.31 -13.74 -9.73
C GLY B 223 9.47 -12.22 -9.67
N THR B 224 8.36 -11.50 -9.76
CA THR B 224 8.40 -10.05 -9.88
C THR B 224 8.03 -9.31 -8.58
N CYS B 225 7.38 -10.02 -7.66
CA CYS B 225 6.89 -9.42 -6.41
C CYS B 225 7.97 -8.63 -5.68
N PRO B 226 7.73 -7.32 -5.49
CA PRO B 226 8.70 -6.46 -4.80
C PRO B 226 8.81 -6.76 -3.31
N LYS B 227 7.73 -7.24 -2.70
CA LYS B 227 7.73 -7.54 -1.27
C LYS B 227 8.16 -8.99 -0.95
N GLY B 228 8.48 -9.75 -1.99
CA GLY B 228 9.08 -11.08 -1.86
C GLY B 228 8.12 -12.23 -1.62
N LEU B 229 6.82 -11.95 -1.68
CA LEU B 229 5.79 -12.94 -1.38
C LEU B 229 5.60 -13.94 -2.52
N ASN B 230 4.82 -14.99 -2.26
CA ASN B 230 4.60 -16.04 -3.24
C ASN B 230 3.12 -16.20 -3.57
N PRO B 231 2.60 -15.42 -4.53
CA PRO B 231 1.18 -15.49 -4.89
C PRO B 231 0.83 -16.82 -5.54
N GLY B 232 1.66 -17.28 -6.48
CA GLY B 232 1.45 -18.54 -7.17
C GLY B 232 1.23 -19.72 -6.25
N LYS B 233 2.08 -19.83 -5.23
CA LYS B 233 1.98 -20.90 -4.23
C LYS B 233 0.62 -20.87 -3.51
N ALA B 234 0.15 -19.66 -3.20
CA ALA B 234 -1.15 -19.48 -2.57
C ALA B 234 -2.29 -19.83 -3.54
N ILE B 235 -2.10 -19.55 -4.82
CA ILE B 235 -3.07 -19.93 -5.86
C ILE B 235 -3.12 -21.45 -5.99
N ALA B 236 -1.94 -22.07 -6.01
CA ALA B 236 -1.84 -23.52 -6.07
C ALA B 236 -2.49 -24.17 -4.86
N GLU B 237 -2.40 -23.50 -3.71
CA GLU B 237 -3.00 -24.00 -2.49
C GLU B 237 -4.52 -23.83 -2.48
N ILE B 238 -5.02 -22.84 -3.23
CA ILE B 238 -6.46 -22.65 -3.43
C ILE B 238 -7.01 -23.81 -4.27
N LYS B 239 -6.33 -24.07 -5.40
CA LYS B 239 -6.73 -25.12 -6.34
C LYS B 239 -6.93 -26.46 -5.64
N LYS B 240 -6.06 -26.74 -4.66
CA LYS B 240 -6.14 -27.95 -3.85
C LYS B 240 -7.40 -27.97 -2.98
N MET B 241 -7.71 -26.81 -2.39
CA MET B 241 -8.92 -26.66 -1.58
C MET B 241 -10.16 -26.83 -2.44
N MET B 242 -10.10 -26.26 -3.64
CA MET B 242 -11.20 -26.31 -4.61
C MET B 242 -11.57 -27.74 -5.00
N ALA B 243 -10.58 -28.63 -4.99
CA ALA B 243 -10.80 -30.03 -5.30
C ALA B 243 -11.27 -30.80 -4.06
N THR B 244 -10.67 -30.46 -2.91
CA THR B 244 -10.90 -31.23 -1.68
C THR B 244 -11.71 -30.47 -0.62
N TYR B 245 -12.94 -30.10 -0.98
CA TYR B 245 -13.87 -29.51 -0.01
C TYR B 245 -15.28 -30.12 -0.15
N LYS B 246 -15.84 -30.53 0.99
CA LYS B 246 -17.16 -31.15 1.04
C LYS B 246 -18.29 -30.13 0.85
N GLU B 247 -19.50 -30.65 0.60
CA GLU B 247 -20.72 -29.85 0.45
C GLU B 247 -20.69 -28.95 -0.78
N THR C 3 -22.43 2.46 -6.23
CA THR C 3 -21.43 1.71 -7.06
C THR C 3 -21.07 0.36 -6.42
N THR C 4 -21.13 -0.69 -7.24
CA THR C 4 -20.78 -2.05 -6.80
C THR C 4 -19.50 -2.54 -7.47
N ALA C 5 -19.07 -3.75 -7.12
CA ALA C 5 -17.88 -4.35 -7.71
C ALA C 5 -18.09 -4.57 -9.21
N LYS C 6 -19.20 -5.23 -9.55
CA LYS C 6 -19.56 -5.56 -10.92
C LYS C 6 -19.80 -4.31 -11.78
N GLU C 7 -20.32 -3.26 -11.15
CA GLU C 7 -20.59 -1.99 -11.82
C GLU C 7 -19.31 -1.19 -12.11
N GLU C 8 -18.31 -1.36 -11.24
CA GLU C 8 -17.03 -0.66 -11.39
C GLU C 8 -16.29 -1.11 -12.64
N MET C 9 -16.19 -2.43 -12.82
CA MET C 9 -15.57 -3.04 -14.00
C MET C 9 -16.36 -2.68 -15.26
N GLU C 10 -17.68 -2.75 -15.16
CA GLU C 10 -18.58 -2.46 -16.27
C GLU C 10 -18.38 -1.03 -16.79
N ARG C 11 -18.03 -0.12 -15.88
CA ARG C 11 -17.79 1.29 -16.22
C ARG C 11 -16.32 1.59 -16.51
N PHE C 12 -15.44 0.66 -16.12
CA PHE C 12 -14.02 0.74 -16.46
C PHE C 12 -13.81 0.54 -17.96
N TRP C 13 -14.53 -0.42 -18.53
CA TRP C 13 -14.37 -0.79 -19.93
C TRP C 13 -14.97 0.23 -20.90
N ASN C 14 -16.10 0.79 -20.52
CA ASN C 14 -16.73 1.88 -21.28
C ASN C 14 -15.81 3.09 -21.38
N LYS C 15 -15.15 3.41 -20.27
CA LYS C 15 -14.25 4.56 -20.18
C LYS C 15 -13.06 4.45 -21.14
N ASN C 16 -12.47 3.26 -21.21
CA ASN C 16 -11.21 3.06 -21.94
C ASN C 16 -11.35 2.72 -23.41
N LEU C 17 -12.29 1.82 -23.71
CA LEU C 17 -12.49 1.33 -25.07
C LEU C 17 -13.04 2.41 -26.01
N GLY C 18 -13.62 3.45 -25.43
CA GLY C 18 -14.09 4.62 -26.19
C GLY C 18 -13.18 5.83 -26.03
N SER C 19 -11.95 5.58 -25.56
CA SER C 19 -10.97 6.64 -25.34
C SER C 19 -9.72 6.42 -26.19
N ASN C 20 -8.97 7.50 -26.39
CA ASN C 20 -7.72 7.44 -27.14
C ASN C 20 -6.51 7.07 -26.27
N ARG C 21 -6.75 6.21 -25.27
CA ARG C 21 -5.68 5.72 -24.40
C ARG C 21 -4.98 4.51 -25.00
N PRO C 22 -3.64 4.44 -24.89
CA PRO C 22 -2.87 3.32 -25.41
C PRO C 22 -2.55 2.25 -24.37
N LEU C 23 -2.67 0.98 -24.77
CA LEU C 23 -2.23 -0.13 -23.94
C LEU C 23 -0.72 -0.12 -23.86
N SER C 24 -0.20 -0.25 -22.65
CA SER C 24 1.25 -0.25 -22.41
C SER C 24 1.90 -1.49 -23.02
N PRO C 25 3.17 -1.37 -23.47
CA PRO C 25 3.92 -2.50 -24.00
C PRO C 25 4.09 -3.63 -22.99
N HIS C 26 4.10 -4.86 -23.48
CA HIS C 26 4.19 -6.05 -22.63
C HIS C 26 5.25 -7.04 -23.11
N ILE C 27 4.99 -7.75 -24.21
CA ILE C 27 6.00 -8.65 -24.79
C ILE C 27 7.18 -7.90 -25.40
N THR C 28 6.91 -6.69 -25.89
CA THR C 28 7.94 -5.80 -26.43
C THR C 28 9.03 -5.50 -25.39
N ILE C 29 8.65 -5.52 -24.11
CA ILE C 29 9.53 -5.04 -23.05
C ILE C 29 9.86 -6.01 -21.91
N TYR C 30 8.90 -6.88 -21.55
CA TYR C 30 9.07 -7.71 -20.35
C TYR C 30 10.20 -8.72 -20.47
N ARG C 31 11.02 -8.75 -19.42
CA ARG C 31 12.23 -9.57 -19.36
C ARG C 31 11.94 -11.06 -19.46
N TRP C 32 12.60 -11.73 -20.40
CA TRP C 32 12.43 -13.17 -20.59
C TRP C 32 13.10 -13.94 -19.46
N SER C 33 12.37 -14.89 -18.89
CA SER C 33 12.90 -15.77 -17.86
C SER C 33 12.70 -17.24 -18.26
N LEU C 34 13.52 -18.12 -17.68
CA LEU C 34 13.43 -19.56 -17.94
C LEU C 34 12.01 -20.12 -17.71
N PRO C 35 11.42 -19.89 -16.51
CA PRO C 35 10.09 -20.44 -16.25
C PRO C 35 9.03 -19.98 -17.24
N MET C 36 9.09 -18.71 -17.64
CA MET C 36 8.15 -18.13 -18.59
C MET C 36 8.34 -18.69 -19.99
N ALA C 37 9.59 -18.81 -20.40
CA ALA C 37 9.93 -19.38 -21.71
C ALA C 37 9.64 -20.88 -21.77
N MET C 38 9.82 -21.56 -20.63
CA MET C 38 9.56 -23.00 -20.53
C MET C 38 8.07 -23.34 -20.47
N SER C 39 7.25 -22.35 -20.11
CA SER C 39 5.80 -22.51 -20.15
C SER C 39 5.31 -22.38 -21.59
N ILE C 40 5.97 -21.51 -22.36
CA ILE C 40 5.68 -21.32 -23.79
C ILE C 40 5.91 -22.61 -24.57
N CYS C 41 7.04 -23.25 -24.30
CA CYS C 41 7.41 -24.50 -24.96
C CYS C 41 6.45 -25.65 -24.60
N HIS C 42 5.96 -25.66 -23.36
CA HIS C 42 5.02 -26.69 -22.93
C HIS C 42 3.71 -26.59 -23.72
N ARG C 43 3.24 -25.36 -23.93
CA ARG C 43 2.08 -25.10 -24.78
C ARG C 43 2.34 -25.48 -26.23
N GLY C 44 3.50 -25.09 -26.73
CA GLY C 44 3.92 -25.43 -28.09
C GLY C 44 3.94 -26.92 -28.33
N THR C 45 4.69 -27.63 -27.48
CA THR C 45 4.82 -29.10 -27.60
C THR C 45 3.49 -29.83 -27.47
N GLY C 46 2.59 -29.30 -26.62
CA GLY C 46 1.25 -29.85 -26.49
C GLY C 46 0.49 -29.74 -27.80
N ILE C 47 0.50 -28.53 -28.37
CA ILE C 47 -0.15 -28.27 -29.66
C ILE C 47 0.49 -29.09 -30.76
N ALA C 48 1.82 -29.17 -30.74
CA ALA C 48 2.59 -29.94 -31.73
C ALA C 48 2.23 -31.43 -31.67
N LEU C 49 2.17 -31.98 -30.46
CA LEU C 49 1.87 -33.39 -30.25
C LEU C 49 0.44 -33.78 -30.64
N SER C 50 -0.55 -33.07 -30.09
CA SER C 50 -1.95 -33.33 -30.42
C SER C 50 -2.26 -33.23 -31.92
N ALA C 51 -1.62 -32.28 -32.59
CA ALA C 51 -1.71 -32.14 -34.04
C ALA C 51 -1.26 -33.43 -34.72
N GLY C 52 -0.12 -33.96 -34.29
CA GLY C 52 0.43 -35.20 -34.82
C GLY C 52 -0.52 -36.37 -34.63
N VAL C 53 -1.08 -36.47 -33.42
CA VAL C 53 -2.04 -37.52 -33.08
C VAL C 53 -3.32 -37.39 -33.92
N SER C 54 -3.77 -36.15 -34.13
CA SER C 54 -4.93 -35.88 -34.98
C SER C 54 -4.64 -36.22 -36.44
N LEU C 55 -3.44 -35.88 -36.90
CA LEU C 55 -3.01 -36.23 -38.26
C LEU C 55 -2.95 -37.74 -38.46
N PHE C 56 -2.71 -38.47 -37.38
CA PHE C 56 -2.63 -39.92 -37.42
C PHE C 56 -4.03 -40.56 -37.49
N GLY C 57 -4.96 -40.04 -36.70
CA GLY C 57 -6.35 -40.51 -36.72
C GLY C 57 -7.06 -40.14 -38.00
N LEU C 58 -6.97 -38.86 -38.38
CA LEU C 58 -7.61 -38.33 -39.57
C LEU C 58 -6.95 -38.78 -40.88
N SER C 59 -6.12 -39.81 -40.78
CA SER C 59 -5.52 -40.44 -41.96
C SER C 59 -5.92 -41.92 -42.01
N ALA C 60 -6.20 -42.48 -40.84
CA ALA C 60 -6.70 -43.85 -40.72
C ALA C 60 -8.11 -43.97 -41.32
N LEU C 61 -8.90 -42.90 -41.15
CA LEU C 61 -10.25 -42.86 -41.69
C LEU C 61 -10.30 -42.33 -43.11
N LEU C 62 -9.34 -41.48 -43.47
CA LEU C 62 -9.38 -40.79 -44.77
C LEU C 62 -8.49 -41.40 -45.86
N LEU C 63 -7.23 -41.68 -45.54
CA LEU C 63 -6.27 -42.17 -46.53
C LEU C 63 -6.37 -43.68 -46.80
N PRO C 64 -6.11 -44.10 -48.05
CA PRO C 64 -6.23 -45.52 -48.44
C PRO C 64 -5.08 -46.40 -47.94
N GLY C 65 -5.27 -47.71 -48.02
CA GLY C 65 -4.23 -48.69 -47.69
C GLY C 65 -4.14 -49.06 -46.22
N ASN C 66 -3.09 -49.79 -45.86
CA ASN C 66 -2.79 -50.15 -44.47
C ASN C 66 -1.43 -49.59 -44.05
N PHE C 67 -1.13 -49.66 -42.75
CA PHE C 67 0.08 -49.06 -42.20
C PHE C 67 1.37 -49.66 -42.76
N GLU C 68 1.37 -50.97 -42.97
CA GLU C 68 2.52 -51.67 -43.55
C GLU C 68 2.84 -51.14 -44.94
N SER C 69 1.81 -50.86 -45.72
CA SER C 69 1.93 -50.25 -47.03
C SER C 69 2.53 -48.84 -46.95
N HIS C 70 2.18 -48.12 -45.89
CA HIS C 70 2.69 -46.77 -45.66
C HIS C 70 4.17 -46.76 -45.29
N LEU C 71 4.59 -47.72 -44.49
CA LEU C 71 6.01 -47.84 -44.11
C LEU C 71 6.88 -48.26 -45.30
N GLU C 72 6.35 -49.14 -46.14
CA GLU C 72 7.04 -49.56 -47.36
C GLU C 72 7.22 -48.40 -48.33
N LEU C 73 6.39 -47.37 -48.18
CA LEU C 73 6.47 -46.17 -48.99
C LEU C 73 7.51 -45.18 -48.44
N VAL C 74 7.82 -45.31 -47.15
CA VAL C 74 8.86 -44.50 -46.50
C VAL C 74 10.24 -45.02 -46.91
N LYS C 75 10.37 -46.35 -46.97
CA LYS C 75 11.60 -47.01 -47.39
C LYS C 75 11.96 -46.71 -48.85
N SER C 76 10.96 -46.29 -49.62
CA SER C 76 11.12 -45.95 -51.04
C SER C 76 12.12 -44.82 -51.26
N LEU C 77 12.20 -43.91 -50.28
CA LEU C 77 13.15 -42.80 -50.32
C LEU C 77 14.53 -43.20 -49.83
N CYS C 78 14.64 -44.42 -49.30
CA CYS C 78 15.88 -44.98 -48.72
C CYS C 78 16.87 -43.91 -48.23
N LEU C 79 16.41 -43.12 -47.27
CA LEU C 79 17.18 -42.00 -46.72
C LEU C 79 18.34 -42.48 -45.86
N GLY C 80 19.31 -41.59 -45.63
CA GLY C 80 20.49 -41.89 -44.83
C GLY C 80 20.13 -42.23 -43.39
N PRO C 81 20.88 -43.16 -42.77
CA PRO C 81 20.64 -43.57 -41.38
C PRO C 81 20.69 -42.40 -40.40
N THR C 82 21.55 -41.42 -40.68
CA THR C 82 21.65 -40.22 -39.86
C THR C 82 20.43 -39.33 -40.07
N LEU C 83 19.96 -39.27 -41.32
CA LEU C 83 18.78 -38.47 -41.66
C LEU C 83 17.49 -39.08 -41.08
N ILE C 84 17.43 -40.40 -41.03
CA ILE C 84 16.29 -41.11 -40.42
C ILE C 84 16.32 -41.00 -38.89
N TYR C 85 17.53 -40.87 -38.34
CA TYR C 85 17.75 -40.61 -36.92
C TYR C 85 17.29 -39.19 -36.57
N THR C 86 17.54 -38.25 -37.47
CA THR C 86 17.11 -36.85 -37.31
C THR C 86 15.60 -36.75 -37.32
N ALA C 87 14.95 -37.53 -38.20
CA ALA C 87 13.49 -37.63 -38.23
C ALA C 87 12.97 -38.22 -36.93
N LYS C 88 13.68 -39.23 -36.43
CA LYS C 88 13.32 -39.93 -35.20
C LYS C 88 13.50 -39.04 -33.96
N PHE C 89 14.60 -38.29 -33.92
CA PHE C 89 14.92 -37.38 -32.82
C PHE C 89 13.89 -36.25 -32.69
N GLY C 90 13.45 -35.72 -33.82
CA GLY C 90 12.46 -34.64 -33.87
C GLY C 90 11.04 -35.07 -33.51
N ILE C 91 10.84 -36.38 -33.37
CA ILE C 91 9.59 -36.93 -32.86
C ILE C 91 9.62 -36.97 -31.34
N VAL C 92 10.71 -37.54 -30.79
CA VAL C 92 10.82 -37.76 -29.36
C VAL C 92 11.12 -36.49 -28.58
N PHE C 93 11.85 -35.56 -29.19
CA PHE C 93 12.27 -34.33 -28.50
C PHE C 93 11.11 -33.48 -27.95
N PRO C 94 10.10 -33.17 -28.80
CA PRO C 94 8.94 -32.44 -28.27
C PRO C 94 8.07 -33.31 -27.36
N LEU C 95 8.11 -34.62 -27.56
CA LEU C 95 7.38 -35.58 -26.74
C LEU C 95 7.95 -35.64 -25.33
N MET C 96 9.27 -35.77 -25.24
CA MET C 96 9.95 -35.94 -23.95
C MET C 96 9.91 -34.68 -23.10
N TYR C 97 10.21 -33.54 -23.72
CA TYR C 97 10.15 -32.25 -23.04
C TYR C 97 8.81 -32.08 -22.33
N HIS C 98 7.73 -32.35 -23.06
CA HIS C 98 6.37 -32.24 -22.55
C HIS C 98 6.08 -33.29 -21.47
N THR C 99 6.71 -34.46 -21.60
CA THR C 99 6.55 -35.54 -20.60
C THR C 99 7.25 -35.16 -19.29
N TRP C 100 8.46 -34.63 -19.38
CA TRP C 100 9.22 -34.22 -18.20
C TRP C 100 8.65 -32.97 -17.53
N ASN C 101 8.45 -31.91 -18.30
CA ASN C 101 7.85 -30.68 -17.79
C ASN C 101 6.43 -30.87 -17.29
N GLY C 102 5.74 -31.86 -17.87
CA GLY C 102 4.40 -32.26 -17.42
C GLY C 102 4.39 -32.80 -16.00
N ILE C 103 5.44 -33.52 -15.63
CA ILE C 103 5.62 -33.99 -14.26
C ILE C 103 5.92 -32.80 -13.35
N ARG C 104 6.73 -31.86 -13.85
CA ARG C 104 7.06 -30.64 -13.11
C ARG C 104 5.80 -29.81 -12.83
N HIS C 105 4.89 -29.78 -13.78
CA HIS C 105 3.58 -29.15 -13.57
C HIS C 105 2.78 -29.90 -12.52
N LEU C 106 2.76 -31.22 -12.61
CA LEU C 106 2.04 -32.07 -11.67
C LEU C 106 2.64 -32.02 -10.26
N ILE C 107 3.95 -31.83 -10.18
CA ILE C 107 4.61 -31.59 -8.89
C ILE C 107 4.11 -30.26 -8.31
N TRP C 108 4.07 -29.22 -9.15
CA TRP C 108 3.55 -27.92 -8.75
C TRP C 108 2.11 -28.00 -8.25
N ASP C 109 1.29 -28.79 -8.92
CA ASP C 109 -0.14 -28.94 -8.59
C ASP C 109 -0.35 -29.52 -7.19
N LEU C 110 0.63 -30.31 -6.72
CA LEU C 110 0.63 -30.80 -5.35
C LEU C 110 1.00 -29.69 -4.36
N GLY C 111 1.30 -28.51 -4.87
CA GLY C 111 1.71 -27.37 -4.04
C GLY C 111 3.16 -27.48 -3.59
N LYS C 112 3.99 -28.11 -4.41
CA LYS C 112 5.37 -28.41 -4.05
C LYS C 112 6.35 -27.90 -5.10
N GLY C 113 7.44 -27.30 -4.64
CA GLY C 113 8.51 -26.82 -5.52
C GLY C 113 8.17 -25.55 -6.26
N LEU C 114 7.52 -24.62 -5.57
CA LEU C 114 7.05 -23.38 -6.19
C LEU C 114 7.79 -22.11 -5.75
N THR C 115 8.98 -22.27 -5.16
CA THR C 115 9.84 -21.11 -4.86
C THR C 115 10.72 -20.80 -6.08
N ILE C 116 11.11 -19.53 -6.21
CA ILE C 116 11.86 -19.05 -7.38
C ILE C 116 13.18 -19.80 -7.68
N PRO C 117 13.99 -20.10 -6.64
CA PRO C 117 15.17 -20.94 -6.90
C PRO C 117 14.83 -22.33 -7.42
N GLN C 118 13.75 -22.93 -6.91
CA GLN C 118 13.33 -24.28 -7.30
C GLN C 118 12.90 -24.41 -8.75
N LEU C 119 12.40 -23.31 -9.31
CA LEU C 119 11.95 -23.28 -10.71
C LEU C 119 13.13 -23.32 -11.68
N THR C 120 14.25 -22.74 -11.26
CA THR C 120 15.46 -22.76 -12.06
C THR C 120 16.23 -24.06 -11.83
N GLN C 121 16.07 -24.66 -10.65
CA GLN C 121 16.68 -25.95 -10.34
C GLN C 121 16.01 -27.08 -11.12
N SER C 122 14.74 -27.34 -10.82
CA SER C 122 13.96 -28.37 -11.50
C SER C 122 13.80 -28.08 -12.99
N GLY C 123 13.76 -26.80 -13.34
CA GLY C 123 13.68 -26.36 -14.74
C GLY C 123 14.83 -26.86 -15.58
N VAL C 124 16.04 -26.75 -15.04
CA VAL C 124 17.23 -27.27 -15.70
C VAL C 124 17.18 -28.80 -15.69
N VAL C 125 16.70 -29.39 -14.59
CA VAL C 125 16.59 -30.85 -14.47
C VAL C 125 15.62 -31.45 -15.50
N VAL C 126 14.56 -30.71 -15.82
CA VAL C 126 13.65 -31.08 -16.91
C VAL C 126 14.38 -30.94 -18.25
N LEU C 127 15.04 -29.81 -18.45
CA LEU C 127 15.76 -29.51 -19.68
C LEU C 127 16.86 -30.53 -19.99
N ILE C 128 17.56 -30.97 -18.95
CA ILE C 128 18.65 -31.94 -19.08
C ILE C 128 18.11 -33.37 -19.31
N LEU C 129 17.04 -33.72 -18.59
CA LEU C 129 16.36 -35.01 -18.80
C LEU C 129 15.83 -35.15 -20.23
N THR C 130 15.38 -34.03 -20.80
CA THR C 130 14.88 -33.99 -22.16
C THR C 130 15.92 -34.46 -23.18
N VAL C 131 17.06 -33.78 -23.24
CA VAL C 131 18.12 -34.10 -24.21
C VAL C 131 18.60 -35.55 -24.07
N LEU C 132 18.66 -36.05 -22.85
CA LEU C 132 19.11 -37.42 -22.58
C LEU C 132 18.09 -38.49 -22.99
N SER C 133 16.83 -38.29 -22.65
CA SER C 133 15.77 -39.25 -22.97
C SER C 133 15.39 -39.24 -24.45
N SER C 134 15.72 -38.15 -25.14
CA SER C 134 15.46 -38.03 -26.57
C SER C 134 16.57 -38.67 -27.42
N VAL C 135 17.82 -38.45 -27.01
CA VAL C 135 18.96 -39.12 -27.63
C VAL C 135 18.93 -40.62 -27.28
N GLY C 136 18.47 -40.94 -26.08
CA GLY C 136 18.34 -42.31 -25.61
C GLY C 136 17.33 -43.15 -26.38
N LEU C 137 16.14 -42.59 -26.61
CA LEU C 137 15.06 -43.30 -27.33
C LEU C 137 15.28 -43.40 -28.83
N ALA C 138 15.89 -42.37 -29.43
CA ALA C 138 16.19 -42.37 -30.85
C ALA C 138 17.28 -43.39 -31.23
N ALA C 139 17.92 -43.97 -30.21
CA ALA C 139 18.94 -44.99 -30.41
C ALA C 139 18.39 -46.40 -30.14
N MET C 140 17.23 -46.69 -30.73
CA MET C 140 16.58 -47.99 -30.57
C MET C 140 16.03 -48.52 -31.89
N SER D 2 -25.61 -24.47 -6.24
CA SER D 2 -24.18 -24.04 -6.30
C SER D 2 -23.24 -25.24 -6.48
N SER D 3 -23.44 -25.98 -7.56
CA SER D 3 -22.64 -27.16 -7.89
C SER D 3 -21.21 -26.80 -8.30
N LYS D 4 -20.26 -27.66 -7.95
CA LYS D 4 -18.85 -27.43 -8.27
C LYS D 4 -18.36 -28.24 -9.49
N ALA D 5 -18.61 -27.69 -10.67
CA ALA D 5 -18.31 -28.35 -11.94
C ALA D 5 -16.94 -27.96 -12.49
N ALA D 6 -16.60 -26.68 -12.38
CA ALA D 6 -15.32 -26.16 -12.87
C ALA D 6 -14.12 -26.70 -12.10
N SER D 7 -14.34 -27.01 -10.82
CA SER D 7 -13.30 -27.59 -9.98
C SER D 7 -13.04 -29.06 -10.34
N LEU D 8 -14.12 -29.81 -10.52
CA LEU D 8 -14.03 -31.23 -10.88
C LEU D 8 -13.37 -31.46 -12.24
N HIS D 9 -13.58 -30.52 -13.16
CA HIS D 9 -12.97 -30.58 -14.49
C HIS D 9 -11.45 -30.48 -14.40
N TRP D 10 -10.97 -29.61 -13.50
CA TRP D 10 -9.54 -29.45 -13.23
C TRP D 10 -8.96 -30.75 -12.67
N THR D 11 -9.68 -31.34 -11.71
CA THR D 11 -9.28 -32.62 -11.10
C THR D 11 -9.25 -33.73 -12.14
N GLY D 12 -10.21 -33.71 -13.05
CA GLY D 12 -10.28 -34.68 -14.15
C GLY D 12 -9.05 -34.61 -15.03
N GLU D 13 -8.65 -33.38 -15.37
CA GLU D 13 -7.50 -33.14 -16.24
C GLU D 13 -6.19 -33.66 -15.65
N ARG D 14 -6.04 -33.58 -14.33
CA ARG D 14 -4.86 -34.10 -13.64
C ARG D 14 -4.89 -35.63 -13.57
N VAL D 15 -6.10 -36.18 -13.47
CA VAL D 15 -6.30 -37.63 -13.42
C VAL D 15 -5.86 -38.29 -14.73
N VAL D 16 -6.31 -37.76 -15.86
CA VAL D 16 -5.91 -38.29 -17.17
C VAL D 16 -4.40 -38.13 -17.41
N SER D 17 -3.83 -37.05 -16.89
CA SER D 17 -2.39 -36.79 -16.99
C SER D 17 -1.56 -37.89 -16.32
N VAL D 18 -1.95 -38.28 -15.11
CA VAL D 18 -1.25 -39.34 -14.37
C VAL D 18 -1.53 -40.71 -14.98
N LEU D 19 -2.69 -40.85 -15.62
CA LEU D 19 -3.03 -42.07 -16.34
C LEU D 19 -2.20 -42.21 -17.61
N LEU D 20 -2.07 -41.10 -18.34
CA LEU D 20 -1.27 -41.07 -19.58
C LEU D 20 0.23 -41.15 -19.28
N LEU D 21 0.63 -40.67 -18.10
CA LEU D 21 2.01 -40.84 -17.62
C LEU D 21 2.30 -42.29 -17.34
N GLY D 22 1.35 -42.98 -16.71
CA GLY D 22 1.49 -44.40 -16.39
C GLY D 22 1.44 -45.30 -17.61
N LEU D 23 0.70 -44.88 -18.63
CA LEU D 23 0.46 -45.69 -19.82
C LEU D 23 1.66 -45.83 -20.76
N LEU D 24 2.43 -44.76 -20.93
CA LEU D 24 3.56 -44.74 -21.86
C LEU D 24 4.70 -45.74 -21.56
N PRO D 25 4.98 -46.01 -20.27
CA PRO D 25 5.90 -47.12 -19.98
C PRO D 25 5.20 -48.48 -19.98
N ALA D 26 3.94 -48.51 -19.56
CA ALA D 26 3.14 -49.74 -19.54
C ALA D 26 2.88 -50.27 -20.96
N ALA D 27 2.75 -49.35 -21.91
CA ALA D 27 2.57 -49.69 -23.32
C ALA D 27 3.86 -50.20 -23.96
N TYR D 28 5.00 -49.75 -23.44
CA TYR D 28 6.29 -50.28 -23.85
C TYR D 28 6.48 -51.69 -23.33
N LEU D 29 6.28 -51.86 -22.02
CA LEU D 29 6.52 -53.14 -21.34
C LEU D 29 5.49 -54.21 -21.72
N ASN D 30 4.21 -53.83 -21.72
CA ASN D 30 3.13 -54.71 -22.14
C ASN D 30 2.36 -54.09 -23.32
N PRO D 31 2.76 -54.42 -24.55
CA PRO D 31 2.14 -53.87 -25.75
C PRO D 31 1.04 -54.76 -26.31
N CYS D 32 -0.13 -54.71 -25.68
CA CYS D 32 -1.26 -55.54 -26.10
C CYS D 32 -2.35 -54.74 -26.80
N SER D 33 -3.37 -55.45 -27.28
CA SER D 33 -4.52 -54.85 -27.97
C SER D 33 -5.38 -54.00 -27.02
N ALA D 34 -5.50 -54.44 -25.77
CA ALA D 34 -6.24 -53.71 -24.74
C ALA D 34 -5.53 -52.40 -24.36
N MET D 35 -4.20 -52.45 -24.35
CA MET D 35 -3.37 -51.29 -24.10
C MET D 35 -3.47 -50.28 -25.25
N ASP D 36 -3.72 -50.78 -26.45
CA ASP D 36 -3.90 -49.95 -27.64
C ASP D 36 -5.12 -49.04 -27.52
N TYR D 37 -6.24 -49.61 -27.08
CA TYR D 37 -7.49 -48.86 -26.98
C TYR D 37 -7.46 -47.83 -25.86
N SER D 38 -7.00 -48.23 -24.68
CA SER D 38 -6.92 -47.31 -23.54
C SER D 38 -5.93 -46.17 -23.78
N LEU D 39 -4.90 -46.45 -24.58
CA LEU D 39 -3.94 -45.44 -25.00
C LEU D 39 -4.60 -44.45 -25.96
N ALA D 40 -5.48 -44.95 -26.82
CA ALA D 40 -6.23 -44.11 -27.76
C ALA D 40 -7.28 -43.29 -27.01
N ALA D 41 -7.79 -43.84 -25.92
CA ALA D 41 -8.80 -43.18 -25.10
C ALA D 41 -8.21 -41.99 -24.34
N ALA D 42 -7.10 -42.24 -23.64
CA ALA D 42 -6.45 -41.23 -22.82
C ALA D 42 -5.77 -40.14 -23.65
N LEU D 43 -5.21 -40.54 -24.79
CA LEU D 43 -4.44 -39.64 -25.65
C LEU D 43 -5.32 -38.55 -26.26
N THR D 44 -6.47 -38.96 -26.79
CA THR D 44 -7.41 -38.04 -27.43
C THR D 44 -8.15 -37.14 -26.44
N LEU D 45 -8.47 -37.69 -25.27
CA LEU D 45 -9.19 -36.95 -24.23
C LEU D 45 -8.31 -35.82 -23.67
N HIS D 46 -7.12 -36.19 -23.20
CA HIS D 46 -6.15 -35.26 -22.61
C HIS D 46 -5.83 -34.09 -23.54
N GLY D 47 -5.58 -34.40 -24.81
CA GLY D 47 -5.32 -33.38 -25.84
C GLY D 47 -6.52 -32.49 -26.12
N HIS D 48 -7.71 -33.08 -26.12
CA HIS D 48 -8.97 -32.35 -26.31
C HIS D 48 -9.18 -31.31 -25.20
N TRP D 49 -8.96 -31.75 -23.96
CA TRP D 49 -8.98 -30.85 -22.80
C TRP D 49 -7.80 -29.89 -22.83
N GLY D 50 -6.74 -30.27 -23.54
CA GLY D 50 -5.56 -29.43 -23.68
C GLY D 50 -5.82 -28.22 -24.56
N ILE D 51 -6.18 -28.48 -25.81
CA ILE D 51 -6.52 -27.41 -26.77
C ILE D 51 -7.69 -26.59 -26.24
N GLY D 52 -8.60 -27.24 -25.50
CA GLY D 52 -9.72 -26.57 -24.84
C GLY D 52 -9.27 -25.42 -23.96
N GLN D 53 -8.17 -25.64 -23.25
CA GLN D 53 -7.55 -24.61 -22.40
C GLN D 53 -6.96 -23.48 -23.23
N VAL D 54 -6.38 -23.81 -24.37
CA VAL D 54 -5.81 -22.82 -25.28
C VAL D 54 -6.92 -21.96 -25.88
N VAL D 55 -8.03 -22.61 -26.23
CA VAL D 55 -9.18 -21.94 -26.85
C VAL D 55 -9.83 -20.94 -25.88
N THR D 56 -9.99 -21.34 -24.63
CA THR D 56 -10.54 -20.44 -23.60
C THR D 56 -9.59 -19.29 -23.28
N ASP D 57 -8.30 -19.48 -23.57
CA ASP D 57 -7.28 -18.46 -23.31
C ASP D 57 -7.20 -17.40 -24.40
N TYR D 58 -7.11 -17.83 -25.65
CA TYR D 58 -6.87 -16.90 -26.75
C TYR D 58 -8.13 -16.49 -27.51
N VAL D 59 -9.02 -17.45 -27.78
CA VAL D 59 -10.22 -17.17 -28.57
C VAL D 59 -11.22 -16.34 -27.77
N ARG D 60 -11.13 -15.02 -27.92
CA ARG D 60 -12.03 -14.08 -27.26
C ARG D 60 -13.32 -13.91 -28.05
N GLY D 61 -14.39 -13.55 -27.36
CA GLY D 61 -15.68 -13.33 -28.01
C GLY D 61 -16.64 -14.49 -27.80
N ASP D 62 -17.91 -14.16 -27.65
CA ASP D 62 -18.96 -15.13 -27.37
C ASP D 62 -19.27 -16.00 -28.60
N ALA D 63 -19.43 -15.34 -29.76
CA ALA D 63 -19.80 -16.01 -31.00
C ALA D 63 -18.68 -16.87 -31.59
N LEU D 64 -17.44 -16.40 -31.48
CA LEU D 64 -16.30 -17.10 -32.07
C LEU D 64 -15.87 -18.32 -31.26
N GLN D 65 -15.96 -18.21 -29.93
CA GLN D 65 -15.50 -19.27 -29.03
C GLN D 65 -16.32 -20.55 -29.14
N LYS D 66 -17.62 -20.42 -29.36
CA LYS D 66 -18.51 -21.57 -29.50
C LYS D 66 -18.16 -22.43 -30.71
N ALA D 67 -17.84 -21.76 -31.83
CA ALA D 67 -17.45 -22.42 -33.06
C ALA D 67 -16.10 -23.12 -32.94
N ALA D 68 -15.19 -22.52 -32.19
CA ALA D 68 -13.87 -23.10 -31.92
C ALA D 68 -13.97 -24.35 -31.04
N LYS D 69 -14.87 -24.32 -30.07
CA LYS D 69 -15.14 -25.46 -29.20
C LYS D 69 -15.85 -26.59 -29.95
N ALA D 70 -16.71 -26.21 -30.91
CA ALA D 70 -17.39 -27.16 -31.78
C ALA D 70 -16.41 -27.82 -32.74
N GLY D 71 -15.53 -27.02 -33.33
CA GLY D 71 -14.50 -27.50 -34.22
C GLY D 71 -13.57 -28.48 -33.53
N LEU D 72 -13.16 -28.11 -32.32
CA LEU D 72 -12.31 -28.95 -31.47
C LEU D 72 -12.99 -30.26 -31.06
N LEU D 73 -14.31 -30.21 -30.84
CA LEU D 73 -15.08 -31.40 -30.49
C LEU D 73 -15.19 -32.37 -31.66
N ALA D 74 -15.50 -31.84 -32.84
CA ALA D 74 -15.61 -32.65 -34.05
C ALA D 74 -14.25 -33.25 -34.42
N LEU D 75 -13.19 -32.48 -34.19
CA LEU D 75 -11.82 -32.92 -34.46
C LEU D 75 -11.43 -34.08 -33.56
N SER D 76 -11.68 -33.91 -32.26
CA SER D 76 -11.36 -34.92 -31.25
C SER D 76 -12.16 -36.20 -31.44
N ALA D 77 -13.42 -36.04 -31.83
CA ALA D 77 -14.29 -37.18 -32.14
C ALA D 77 -13.74 -37.97 -33.31
N PHE D 78 -13.43 -37.26 -34.40
CA PHE D 78 -12.85 -37.88 -35.60
C PHE D 78 -11.46 -38.46 -35.36
N THR D 79 -10.73 -37.91 -34.39
CA THR D 79 -9.42 -38.43 -34.02
C THR D 79 -9.55 -39.74 -33.26
N PHE D 80 -10.41 -39.76 -32.24
CA PHE D 80 -10.63 -40.98 -31.45
C PHE D 80 -11.20 -42.11 -32.31
N ALA D 81 -12.08 -41.75 -33.25
CA ALA D 81 -12.64 -42.70 -34.20
C ALA D 81 -11.54 -43.31 -35.07
N GLY D 82 -10.64 -42.46 -35.58
CA GLY D 82 -9.53 -42.89 -36.42
C GLY D 82 -8.62 -43.88 -35.74
N LEU D 83 -8.22 -43.54 -34.51
CA LEU D 83 -7.33 -44.38 -33.71
C LEU D 83 -7.94 -45.73 -33.38
N CYS D 84 -9.23 -45.74 -33.07
CA CYS D 84 -9.95 -46.98 -32.81
C CYS D 84 -10.07 -47.83 -34.06
N TYR D 85 -10.31 -47.18 -35.20
CA TYR D 85 -10.34 -47.87 -36.50
C TYR D 85 -8.97 -48.45 -36.81
N PHE D 86 -7.93 -47.70 -36.46
CA PHE D 86 -6.55 -48.15 -36.63
C PHE D 86 -6.20 -49.33 -35.73
N ASN D 87 -6.77 -49.34 -34.52
CA ASN D 87 -6.60 -50.45 -33.59
C ASN D 87 -7.35 -51.70 -34.03
N TYR D 88 -8.50 -51.51 -34.64
CA TYR D 88 -9.39 -52.62 -35.02
C TYR D 88 -9.12 -53.18 -36.42
N HIS D 89 -8.81 -52.29 -37.36
CA HIS D 89 -8.64 -52.68 -38.76
C HIS D 89 -7.21 -52.58 -39.27
N ASP D 90 -6.28 -52.27 -38.38
CA ASP D 90 -4.87 -52.21 -38.74
C ASP D 90 -4.00 -52.78 -37.63
N VAL D 91 -2.70 -52.47 -37.68
CA VAL D 91 -1.71 -53.05 -36.78
C VAL D 91 -1.91 -52.64 -35.31
N GLY D 92 -2.47 -51.46 -35.09
CA GLY D 92 -2.69 -50.94 -33.73
C GLY D 92 -1.53 -50.09 -33.27
N ILE D 93 -1.83 -49.04 -32.51
CA ILE D 93 -0.83 -48.04 -32.08
C ILE D 93 0.49 -48.66 -31.61
N CYS D 94 0.42 -49.55 -30.61
CA CYS D 94 1.61 -50.17 -30.03
C CYS D 94 2.49 -50.85 -31.07
N LYS D 95 1.92 -51.78 -31.82
CA LYS D 95 2.65 -52.55 -32.83
C LYS D 95 3.09 -51.69 -34.02
N ALA D 96 2.33 -50.64 -34.33
CA ALA D 96 2.66 -49.71 -35.40
C ALA D 96 3.84 -48.81 -35.02
N VAL D 97 3.88 -48.42 -33.75
CA VAL D 97 4.99 -47.64 -33.20
C VAL D 97 6.27 -48.46 -33.23
N ALA D 98 6.17 -49.72 -32.83
CA ALA D 98 7.30 -50.65 -32.81
C ALA D 98 7.91 -50.85 -34.19
N MET D 99 7.05 -50.97 -35.19
CA MET D 99 7.46 -51.14 -36.58
C MET D 99 8.16 -49.89 -37.12
N LEU D 100 7.62 -48.72 -36.77
CA LEU D 100 8.17 -47.43 -37.17
C LEU D 100 9.57 -47.20 -36.62
N TRP D 101 9.85 -47.79 -35.46
CA TRP D 101 11.10 -47.52 -34.74
C TRP D 101 12.30 -48.28 -35.30
N LYS D 102 12.11 -49.57 -35.57
CA LYS D 102 13.14 -50.35 -36.25
C LYS D 102 13.03 -50.14 -37.76
N LEU D 103 13.55 -49.01 -38.22
CA LEU D 103 13.44 -48.61 -39.62
C LEU D 103 14.73 -47.96 -40.09
PA FAD E . -3.11 9.96 6.46
O1A FAD E . -1.91 10.80 6.08
O2A FAD E . -2.67 8.60 6.90
O5B FAD E . -4.10 9.88 5.19
C5B FAD E . -4.37 11.06 4.48
C4B FAD E . -5.52 10.85 3.51
O4B FAD E . -6.11 12.10 3.19
C3B FAD E . -5.04 10.23 2.22
O3B FAD E . -5.86 9.13 1.92
C2B FAD E . -5.20 11.31 1.17
O2B FAD E . -5.70 10.81 -0.05
C1B FAD E . -6.20 12.27 1.80
N9A FAD E . -5.93 13.65 1.39
C8A FAD E . -4.91 14.47 1.80
N7A FAD E . -5.03 15.66 1.17
C5A FAD E . -6.12 15.61 0.37
C6A FAD E . -6.70 16.54 -0.50
N6A FAD E . -5.93 17.49 -1.02
N1A FAD E . -7.83 16.18 -1.20
C2A FAD E . -8.39 14.92 -1.06
N3A FAD E . -7.80 14.01 -0.20
C4A FAD E . -6.69 14.35 0.50
N1 FAD E . 1.23 6.24 14.71
C2 FAD E . 0.95 5.21 15.58
O2 FAD E . 0.06 5.35 16.41
N3 FAD E . 1.66 4.02 15.51
C4 FAD E . 2.66 3.89 14.56
O4 FAD E . 3.28 2.83 14.51
C4X FAD E . 2.95 4.93 13.68
N5 FAD E . 3.96 4.81 12.72
C5X FAD E . 4.24 5.84 11.86
C6 FAD E . 5.24 5.71 10.90
C7 FAD E . 5.53 6.77 10.02
C7M FAD E . 6.62 6.60 9.01
C8 FAD E . 4.80 7.95 10.12
C8M FAD E . 5.07 9.12 9.22
C9 FAD E . 3.79 8.08 11.07
C9A FAD E . 3.52 7.03 11.94
N10 FAD E . 2.52 7.16 12.89
C10 FAD E . 2.24 6.11 13.76
C1' FAD E . 1.73 8.44 12.96
C2' FAD E . 0.38 8.11 12.33
O2' FAD E . 0.50 7.00 11.46
C3' FAD E . -0.26 9.26 11.55
O3' FAD E . -0.39 10.38 12.39
C4' FAD E . -1.64 8.84 11.05
O4' FAD E . -1.57 7.58 10.43
C5' FAD E . -2.25 9.84 10.08
O5' FAD E . -3.40 9.22 9.52
P FAD E . -4.60 10.07 8.90
O1P FAD E . -5.74 9.15 8.55
O2P FAD E . -5.06 11.16 9.87
O3P FAD E . -3.98 10.74 7.57
C1 MLI F . 6.72 5.43 15.20
C2 MLI F . 6.86 3.93 15.25
C3 MLI F . 5.53 5.90 16.02
O6 MLI F . 7.24 3.39 16.29
O7 MLI F . 6.60 3.29 14.20
O8 MLI F . 4.93 6.91 15.63
O9 MLI F . 5.20 5.27 17.05
FE1 FES G . 7.25 3.35 -3.72
FE2 FES G . 5.15 3.92 -1.59
S1 FES G . 6.05 5.11 -3.20
S2 FES G . 6.09 2.08 -2.36
FE1 SF4 H . 0.87 -7.87 -3.49
FE2 SF4 H . 2.37 -6.46 -5.28
FE3 SF4 H . 3.41 -8.67 -4.06
FE4 SF4 H . 1.43 -8.92 -5.90
S1 SF4 H . 3.56 -8.15 -6.29
S2 SF4 H . 1.55 -10.02 -3.87
S3 SF4 H . 0.17 -7.04 -5.52
S4 SF4 H . 2.80 -6.70 -3.03
FE1 F3S I . -0.72 -17.97 -12.46
FE3 F3S I . 1.25 -16.22 -11.60
FE4 F3S I . 0.46 -16.40 -13.68
S1 F3S I . 1.19 -18.42 -11.47
S2 F3S I . -0.77 -17.91 -14.66
S3 F3S I . -0.87 -15.81 -12.03
S4 F3S I . 2.19 -15.14 -13.25
CHA HEM J . -0.81 -29.81 -21.30
CHB HEM J . 0.77 -33.57 -18.69
CHC HEM J . 1.44 -36.06 -22.82
CHD HEM J . -1.07 -32.68 -25.25
C1A HEM J . -0.50 -30.61 -20.23
C2A HEM J . -0.72 -30.30 -18.83
C3A HEM J . -0.28 -31.35 -18.10
C4A HEM J . 0.23 -32.34 -19.02
CMA HEM J . -0.31 -31.48 -16.56
CAA HEM J . -1.36 -29.00 -18.30
CBA HEM J . -0.27 -28.00 -17.89
CGA HEM J . -0.75 -27.24 -16.69
O1A HEM J . -0.58 -27.75 -15.55
O2A HEM J . -1.30 -26.13 -16.87
C1B HEM J . 1.21 -34.52 -19.59
C2B HEM J . 2.11 -35.64 -19.31
C3B HEM J . 2.28 -36.32 -20.45
C4B HEM J . 1.52 -35.67 -21.50
CMB HEM J . 2.74 -35.98 -17.93
CAB HEM J . 3.15 -37.58 -20.63
CBB HEM J . 2.58 -38.79 -20.55
C1C HEM J . 0.78 -35.39 -23.83
C2C HEM J . 0.58 -35.87 -25.19
C3C HEM J . -0.11 -34.93 -25.85
C4C HEM J . -0.38 -33.83 -24.95
CMC HEM J . 1.10 -37.21 -25.76
CAC HEM J . -0.55 -35.00 -27.34
CBC HEM J . -1.64 -35.69 -27.68
C1D HEM J . -1.24 -31.58 -24.43
C2D HEM J . -1.93 -30.37 -24.80
C3D HEM J . -1.85 -29.46 -23.56
C4D HEM J . -1.12 -30.22 -22.58
CMD HEM J . -2.61 -30.04 -26.15
CAD HEM J . -2.43 -28.03 -23.42
CBD HEM J . -1.34 -26.98 -23.27
CGD HEM J . -1.64 -26.08 -22.10
O1D HEM J . -2.80 -26.06 -21.58
O2D HEM J . -0.71 -25.35 -21.66
NA HEM J . 0.08 -31.85 -20.31
NB HEM J . 0.88 -34.57 -20.94
NC HEM J . 0.17 -34.16 -23.72
ND HEM J . -0.79 -31.45 -23.13
FE HEM J . 0.03 -33.03 -22.01
I BOL K . -1.85 -18.03 -21.03
N BOL K . 1.81 -17.20 -23.63
O BOL K . -0.21 -16.86 -22.78
C1 BOL K . -0.19 -19.26 -21.28
C2 BOL K . 0.88 -18.85 -22.09
C3 BOL K . 1.99 -19.67 -22.24
C4 BOL K . 2.04 -20.91 -21.59
C5 BOL K . 0.97 -21.32 -20.79
C6 BOL K . -0.13 -20.50 -20.63
C7 BOL K . 0.84 -17.51 -22.78
C8 BOL K . 2.82 -16.21 -23.33
C9 BOL K . 3.63 -16.40 -22.20
C10 BOL K . 4.60 -15.43 -21.94
C11 BOL K . 4.74 -14.34 -22.80
C12 BOL K . 3.93 -14.19 -23.93
C13 BOL K . 2.95 -15.15 -24.21
C1 EPH L . 8.71 -44.92 -29.40
C2 EPH L . 9.39 -45.60 -28.21
C4 EPH L . 7.60 -42.66 -29.58
O2 EPH L . 8.77 -43.50 -29.32
O4 EPH L . 6.99 -42.22 -28.62
C18 EPH L . 7.15 -42.35 -30.99
C19 EPH L . 5.80 -43.01 -31.29
C20 EPH L . 4.87 -42.08 -32.05
C21 EPH L . 4.52 -42.65 -33.43
C22 EPH L . 3.60 -41.70 -34.22
C23 EPH L . 4.41 -40.73 -35.10
C24 EPH L . 3.66 -40.39 -36.39
C25 EPH L . 3.25 -38.92 -36.42
C26 EPH L . 3.03 -38.43 -37.86
C27 EPH L . 1.55 -38.51 -38.27
C28 EPH L . 1.41 -38.76 -39.77
C29 EPH L . 0.73 -40.09 -40.05
C30 EPH L . 0.85 -40.49 -41.52
C31 EPH L . 0.69 -41.98 -41.72
C37 EPH L . 10.17 -46.82 -28.71
O5 EPH L . 9.64 -48.04 -28.17
C3 EPH L . 7.87 -45.00 -26.33
O1 EPH L . 8.41 -46.01 -27.24
O3 EPH L . 8.60 -44.49 -25.47
C5 EPH L . 6.42 -44.58 -26.43
C6 EPH L . 5.48 -45.76 -26.12
C7 EPH L . 4.41 -45.92 -27.19
C8 EPH L . 3.18 -45.08 -26.88
C9 EPH L . 2.83 -44.17 -28.04
C10 EPH L . 2.91 -42.70 -27.64
C11 EPH L . 2.34 -41.78 -28.72
C12 EPH L . 2.76 -40.34 -28.52
C13 EPH L . 2.19 -39.43 -29.60
C14 EPH L . 3.31 -38.73 -30.36
C15 EPH L . 2.75 -37.76 -31.39
C16 EPH L . 3.54 -37.82 -32.69
C17 EPH L . 3.99 -36.44 -33.13
P1 EPH L . 9.67 -49.46 -28.94
O6 EPH L . 9.64 -49.19 -30.43
O7 EPH L . 10.80 -50.30 -28.38
O8 EPH L . 8.25 -50.14 -28.55
C38 EPH L . 8.16 -51.34 -27.78
C39 EPH L . 8.07 -52.55 -28.69
N1 EPH L . 9.36 -53.21 -28.72
#